data_1LA8
# 
_entry.id   1LA8 
# 
_audit_conform.dict_name       mmcif_pdbx.dic 
_audit_conform.dict_version    5.392 
_audit_conform.dict_location   http://mmcif.pdb.org/dictionaries/ascii/mmcif_pdbx.dic 
# 
loop_
_database_2.database_id 
_database_2.database_code 
_database_2.pdbx_database_accession 
_database_2.pdbx_DOI 
PDB   1LA8         pdb_00001la8 10.2210/pdb1la8/pdb 
RCSB  RCSB015790   ?            ?                   
WWPDB D_1000015790 ?            ?                   
# 
loop_
_pdbx_audit_revision_history.ordinal 
_pdbx_audit_revision_history.data_content_type 
_pdbx_audit_revision_history.major_revision 
_pdbx_audit_revision_history.minor_revision 
_pdbx_audit_revision_history.revision_date 
1 'Structure model' 1 0 2002-04-17 
2 'Structure model' 1 1 2008-04-28 
3 'Structure model' 1 2 2011-07-13 
4 'Structure model' 1 3 2022-02-23 
5 'Structure model' 1 4 2024-05-22 
# 
_pdbx_audit_revision_details.ordinal             1 
_pdbx_audit_revision_details.revision_ordinal    1 
_pdbx_audit_revision_details.data_content_type   'Structure model' 
_pdbx_audit_revision_details.provider            repository 
_pdbx_audit_revision_details.type                'Initial release' 
_pdbx_audit_revision_details.description         ? 
_pdbx_audit_revision_details.details             ? 
# 
loop_
_pdbx_audit_revision_group.ordinal 
_pdbx_audit_revision_group.revision_ordinal 
_pdbx_audit_revision_group.data_content_type 
_pdbx_audit_revision_group.group 
1 2 'Structure model' 'Version format compliance' 
2 3 'Structure model' 'Version format compliance' 
3 4 'Structure model' 'Data collection'           
4 4 'Structure model' 'Database references'       
5 4 'Structure model' 'Derived calculations'      
6 5 'Structure model' 'Data collection'           
# 
loop_
_pdbx_audit_revision_category.ordinal 
_pdbx_audit_revision_category.revision_ordinal 
_pdbx_audit_revision_category.data_content_type 
_pdbx_audit_revision_category.category 
1 4 'Structure model' database_2            
2 4 'Structure model' pdbx_nmr_software     
3 4 'Structure model' pdbx_struct_assembly  
4 4 'Structure model' pdbx_struct_oper_list 
5 5 'Structure model' chem_comp_atom        
6 5 'Structure model' chem_comp_bond        
# 
loop_
_pdbx_audit_revision_item.ordinal 
_pdbx_audit_revision_item.revision_ordinal 
_pdbx_audit_revision_item.data_content_type 
_pdbx_audit_revision_item.item 
1 4 'Structure model' '_database_2.pdbx_DOI'                
2 4 'Structure model' '_database_2.pdbx_database_accession' 
3 4 'Structure model' '_pdbx_nmr_software.name'             
# 
_pdbx_database_status.status_code                     REL 
_pdbx_database_status.entry_id                        1LA8 
_pdbx_database_status.recvd_initial_deposition_date   2002-03-28 
_pdbx_database_status.deposit_site                    RCSB 
_pdbx_database_status.process_site                    RCSB 
_pdbx_database_status.status_code_mr                  REL 
_pdbx_database_status.SG_entry                        . 
_pdbx_database_status.pdb_format_compatible           Y 
_pdbx_database_status.status_code_sf                  ? 
_pdbx_database_status.status_code_cs                  ? 
_pdbx_database_status.status_code_nmr_data            ? 
_pdbx_database_status.methods_development_category    ? 
# 
loop_
_pdbx_database_related.db_name 
_pdbx_database_related.db_id 
_pdbx_database_related.details 
_pdbx_database_related.content_type 
PDB 1lae 
'1lae is the Solution structure of the 13-mer DNA hairpin CGCGGTXTCCGCG (X=PdG) containing the 1,N2-propanodeoxyguanosine adduct.' 
unspecified 
PDB 1lai '1lai is the Solution structure of the B-DNA duplex CGCGGTGTCCGCG.' unspecified 
PDB 1laq 
;1laq is the Solution structure of the B-DNA duplex CGCGGTXTCCGCG (X=PdG) 
containing the 1,N2-propanogeoxyguanosine adduct with the deoxyribose at C20 
opposite PdG in the C2' endo conformation.
;
unspecified 
PDB 1LAS 
;1LAS IS THE Solution structure of the B-DNA duplex CGCGGTXTCCGCG (X=PdG) 
containing the 1,N2-propanogeoxyguanosine adduct with the deoxyribose at C20 
opposite PdG in the C3' endo conformation.
;
unspecified 
# 
loop_
_audit_author.name 
_audit_author.pdbx_ordinal 
'Weisenseel, J.P.' 1 
'Reddy, G.R.'      2 
'Marnett, L.J.'    3 
'Stone, M.P.'      4 
# 
_citation.id                        primary 
_citation.title                     
;Structure of the 1,N(2)-propanodeoxyguanosine adduct in a three-base DNA hairpin loop derived from a palindrome in the Salmonella typhimurium hisD3052 gene.
;
_citation.journal_abbrev            Chem.Res.Toxicol. 
_citation.journal_volume            15 
_citation.page_first                140 
_citation.page_last                 152 
_citation.year                      2002 
_citation.journal_id_ASTM           CRTOEC 
_citation.country                   US 
_citation.journal_id_ISSN           0893-228X 
_citation.journal_id_CSD            2140 
_citation.book_publisher            ? 
_citation.pdbx_database_id_PubMed   11849039 
_citation.pdbx_database_id_DOI      10.1021/tx010107f 
# 
loop_
_citation_author.citation_id 
_citation_author.name 
_citation_author.ordinal 
_citation_author.identifier_ORCID 
primary 'Weisenseel, J.P.' 1 ? 
primary 'Reddy, G.R.'      2 ? 
primary 'Marnett, L.J.'    3 ? 
primary 'Stone, M.P.'      4 ? 
# 
_entity.id                         1 
_entity.type                       polymer 
_entity.src_method                 syn 
_entity.pdbx_description           "5'-D(*CP*GP*CP*GP*GP*TP*GP*TP*CP*CP*GP*CP*G)-3'" 
_entity.formula_weight             3984.572 
_entity.pdbx_number_of_molecules   1 
_entity.pdbx_ec                    ? 
_entity.pdbx_mutation              ? 
_entity.pdbx_fragment              ? 
_entity.details                    ? 
# 
_entity_poly.entity_id                      1 
_entity_poly.type                           polydeoxyribonucleotide 
_entity_poly.nstd_linkage                   no 
_entity_poly.nstd_monomer                   no 
_entity_poly.pdbx_seq_one_letter_code       '(DC)(DG)(DC)(DG)(DG)(DT)(DG)(DT)(DC)(DC)(DG)(DC)(DG)' 
_entity_poly.pdbx_seq_one_letter_code_can   CGCGGTGTCCGCG 
_entity_poly.pdbx_strand_id                 A 
_entity_poly.pdbx_target_identifier         ? 
# 
loop_
_entity_poly_seq.entity_id 
_entity_poly_seq.num 
_entity_poly_seq.mon_id 
_entity_poly_seq.hetero 
1 1  DC n 
1 2  DG n 
1 3  DC n 
1 4  DG n 
1 5  DG n 
1 6  DT n 
1 7  DG n 
1 8  DT n 
1 9  DC n 
1 10 DC n 
1 11 DG n 
1 12 DC n 
1 13 DG n 
# 
_pdbx_entity_src_syn.entity_id              1 
_pdbx_entity_src_syn.pdbx_src_id            1 
_pdbx_entity_src_syn.pdbx_alt_source_flag   sample 
_pdbx_entity_src_syn.pdbx_beg_seq_num       ? 
_pdbx_entity_src_syn.pdbx_end_seq_num       ? 
_pdbx_entity_src_syn.organism_scientific    ? 
_pdbx_entity_src_syn.organism_common_name   ? 
_pdbx_entity_src_syn.ncbi_taxonomy_id       ? 
_pdbx_entity_src_syn.details                
'This Synthetic DNA sequence was derived from the hisD3052 gene of salmonella typhimurium.' 
# 
loop_
_chem_comp.id 
_chem_comp.type 
_chem_comp.mon_nstd_flag 
_chem_comp.name 
_chem_comp.pdbx_synonyms 
_chem_comp.formula 
_chem_comp.formula_weight 
DC 'DNA linking' y "2'-DEOXYCYTIDINE-5'-MONOPHOSPHATE"  ? 'C9 H14 N3 O7 P'  307.197 
DG 'DNA linking' y "2'-DEOXYGUANOSINE-5'-MONOPHOSPHATE" ? 'C10 H14 N5 O7 P' 347.221 
DT 'DNA linking' y "THYMIDINE-5'-MONOPHOSPHATE"         ? 'C10 H15 N2 O8 P' 322.208 
# 
loop_
_pdbx_poly_seq_scheme.asym_id 
_pdbx_poly_seq_scheme.entity_id 
_pdbx_poly_seq_scheme.seq_id 
_pdbx_poly_seq_scheme.mon_id 
_pdbx_poly_seq_scheme.ndb_seq_num 
_pdbx_poly_seq_scheme.pdb_seq_num 
_pdbx_poly_seq_scheme.auth_seq_num 
_pdbx_poly_seq_scheme.pdb_mon_id 
_pdbx_poly_seq_scheme.auth_mon_id 
_pdbx_poly_seq_scheme.pdb_strand_id 
_pdbx_poly_seq_scheme.pdb_ins_code 
_pdbx_poly_seq_scheme.hetero 
A 1 1  DC 1  1  1  DC C A . n 
A 1 2  DG 2  2  2  DG G A . n 
A 1 3  DC 3  3  3  DC C A . n 
A 1 4  DG 4  4  4  DG G A . n 
A 1 5  DG 5  5  5  DG G A . n 
A 1 6  DT 6  6  6  DT T A . n 
A 1 7  DG 7  7  7  DG G A . n 
A 1 8  DT 8  8  8  DT T A . n 
A 1 9  DC 9  9  9  DC C A . n 
A 1 10 DC 10 10 10 DC C A . n 
A 1 11 DG 11 11 11 DG G A . n 
A 1 12 DC 12 12 12 DC C A . n 
A 1 13 DG 13 13 13 DG G A . n 
# 
_exptl.entry_id          1LA8 
_exptl.method            'SOLUTION NMR' 
_exptl.crystals_number   ? 
# 
_exptl_crystal.id                    1 
_exptl_crystal.density_meas          ? 
_exptl_crystal.density_Matthews      ? 
_exptl_crystal.density_percent_sol   ? 
_exptl_crystal.description           ? 
# 
_diffrn.id                     1 
_diffrn.crystal_id             1 
_diffrn.ambient_temp           ? 
_diffrn.ambient_temp_details   ? 
# 
_diffrn_radiation.diffrn_id                        1 
_diffrn_radiation.wavelength_id                    1 
_diffrn_radiation.pdbx_monochromatic_or_laue_m_l   M 
_diffrn_radiation.monochromator                    ? 
_diffrn_radiation.pdbx_diffrn_protocol             'SINGLE WAVELENGTH' 
_diffrn_radiation.pdbx_scattering_type             ? 
# 
_diffrn_radiation_wavelength.id           1 
_diffrn_radiation_wavelength.wavelength   . 
_diffrn_radiation_wavelength.wt           1.0 
# 
_struct.entry_id                  1LA8 
_struct.title                     'Solution structure of the DNA hairpin 13-mer CGCGGTGTCCGCG' 
_struct.pdbx_model_details        ? 
_struct.pdbx_CASP_flag            ? 
_struct.pdbx_model_type_details   'minimized average' 
# 
_struct_keywords.entry_id        1LA8 
_struct_keywords.pdbx_keywords   DNA 
_struct_keywords.text            'DNA, Hairpin, three base loop' 
# 
_struct_asym.id                            A 
_struct_asym.pdbx_blank_PDB_chainid_flag   N 
_struct_asym.pdbx_modified                 N 
_struct_asym.entity_id                     1 
_struct_asym.details                       ? 
# 
_struct_ref.id                         1 
_struct_ref.entity_id                  1 
_struct_ref.db_name                    PDB 
_struct_ref.db_code                    1LA8 
_struct_ref.pdbx_db_accession          1LA8 
_struct_ref.pdbx_db_isoform            ? 
_struct_ref.pdbx_seq_one_letter_code   ? 
_struct_ref.pdbx_align_begin           ? 
# 
_struct_ref_seq.align_id                      1 
_struct_ref_seq.ref_id                        1 
_struct_ref_seq.pdbx_PDB_id_code              1LA8 
_struct_ref_seq.pdbx_strand_id                A 
_struct_ref_seq.seq_align_beg                 1 
_struct_ref_seq.pdbx_seq_align_beg_ins_code   ? 
_struct_ref_seq.seq_align_end                 13 
_struct_ref_seq.pdbx_seq_align_end_ins_code   ? 
_struct_ref_seq.pdbx_db_accession             1LA8 
_struct_ref_seq.db_align_beg                  1 
_struct_ref_seq.pdbx_db_align_beg_ins_code    ? 
_struct_ref_seq.db_align_end                  13 
_struct_ref_seq.pdbx_db_align_end_ins_code    ? 
_struct_ref_seq.pdbx_auth_seq_align_beg       1 
_struct_ref_seq.pdbx_auth_seq_align_end       13 
# 
_pdbx_struct_assembly.id                   1 
_pdbx_struct_assembly.details              author_defined_assembly 
_pdbx_struct_assembly.method_details       ? 
_pdbx_struct_assembly.oligomeric_details   monomeric 
_pdbx_struct_assembly.oligomeric_count     1 
# 
_pdbx_struct_assembly_gen.assembly_id       1 
_pdbx_struct_assembly_gen.oper_expression   1 
_pdbx_struct_assembly_gen.asym_id_list      A 
# 
_pdbx_struct_oper_list.id                   1 
_pdbx_struct_oper_list.type                 'identity operation' 
_pdbx_struct_oper_list.name                 1_555 
_pdbx_struct_oper_list.symmetry_operation   x,y,z 
_pdbx_struct_oper_list.matrix[1][1]         1.0000000000 
_pdbx_struct_oper_list.matrix[1][2]         0.0000000000 
_pdbx_struct_oper_list.matrix[1][3]         0.0000000000 
_pdbx_struct_oper_list.vector[1]            0.0000000000 
_pdbx_struct_oper_list.matrix[2][1]         0.0000000000 
_pdbx_struct_oper_list.matrix[2][2]         1.0000000000 
_pdbx_struct_oper_list.matrix[2][3]         0.0000000000 
_pdbx_struct_oper_list.vector[2]            0.0000000000 
_pdbx_struct_oper_list.matrix[3][1]         0.0000000000 
_pdbx_struct_oper_list.matrix[3][2]         0.0000000000 
_pdbx_struct_oper_list.matrix[3][3]         1.0000000000 
_pdbx_struct_oper_list.vector[3]            0.0000000000 
# 
_struct_biol.id   1 
# 
loop_
_struct_conn.id 
_struct_conn.conn_type_id 
_struct_conn.pdbx_leaving_atom_flag 
_struct_conn.pdbx_PDB_id 
_struct_conn.ptnr1_label_asym_id 
_struct_conn.ptnr1_label_comp_id 
_struct_conn.ptnr1_label_seq_id 
_struct_conn.ptnr1_label_atom_id 
_struct_conn.pdbx_ptnr1_label_alt_id 
_struct_conn.pdbx_ptnr1_PDB_ins_code 
_struct_conn.pdbx_ptnr1_standard_comp_id 
_struct_conn.ptnr1_symmetry 
_struct_conn.ptnr2_label_asym_id 
_struct_conn.ptnr2_label_comp_id 
_struct_conn.ptnr2_label_seq_id 
_struct_conn.ptnr2_label_atom_id 
_struct_conn.pdbx_ptnr2_label_alt_id 
_struct_conn.pdbx_ptnr2_PDB_ins_code 
_struct_conn.ptnr1_auth_asym_id 
_struct_conn.ptnr1_auth_comp_id 
_struct_conn.ptnr1_auth_seq_id 
_struct_conn.ptnr2_auth_asym_id 
_struct_conn.ptnr2_auth_comp_id 
_struct_conn.ptnr2_auth_seq_id 
_struct_conn.ptnr2_symmetry 
_struct_conn.pdbx_ptnr3_label_atom_id 
_struct_conn.pdbx_ptnr3_label_seq_id 
_struct_conn.pdbx_ptnr3_label_comp_id 
_struct_conn.pdbx_ptnr3_label_asym_id 
_struct_conn.pdbx_ptnr3_label_alt_id 
_struct_conn.pdbx_ptnr3_PDB_ins_code 
_struct_conn.details 
_struct_conn.pdbx_dist_value 
_struct_conn.pdbx_value_order 
_struct_conn.pdbx_role 
hydrog1  hydrog ? ? A DC 1 N3 ? ? ? 1_555 A DG 13 N1 ? ? A DC 1 A DG 13 1_555 ? ? ? ? ? ? WATSON-CRICK ? ? ? 
hydrog2  hydrog ? ? A DC 1 N4 ? ? ? 1_555 A DG 13 O6 ? ? A DC 1 A DG 13 1_555 ? ? ? ? ? ? WATSON-CRICK ? ? ? 
hydrog3  hydrog ? ? A DC 1 O2 ? ? ? 1_555 A DG 13 N2 ? ? A DC 1 A DG 13 1_555 ? ? ? ? ? ? WATSON-CRICK ? ? ? 
hydrog4  hydrog ? ? A DG 2 N1 ? ? ? 1_555 A DC 12 N3 ? ? A DG 2 A DC 12 1_555 ? ? ? ? ? ? WATSON-CRICK ? ? ? 
hydrog5  hydrog ? ? A DG 2 N2 ? ? ? 1_555 A DC 12 O2 ? ? A DG 2 A DC 12 1_555 ? ? ? ? ? ? WATSON-CRICK ? ? ? 
hydrog6  hydrog ? ? A DG 2 O6 ? ? ? 1_555 A DC 12 N4 ? ? A DG 2 A DC 12 1_555 ? ? ? ? ? ? WATSON-CRICK ? ? ? 
hydrog7  hydrog ? ? A DC 3 N3 ? ? ? 1_555 A DG 11 N1 ? ? A DC 3 A DG 11 1_555 ? ? ? ? ? ? WATSON-CRICK ? ? ? 
hydrog8  hydrog ? ? A DC 3 N4 ? ? ? 1_555 A DG 11 O6 ? ? A DC 3 A DG 11 1_555 ? ? ? ? ? ? WATSON-CRICK ? ? ? 
hydrog9  hydrog ? ? A DC 3 O2 ? ? ? 1_555 A DG 11 N2 ? ? A DC 3 A DG 11 1_555 ? ? ? ? ? ? WATSON-CRICK ? ? ? 
hydrog10 hydrog ? ? A DG 4 N1 ? ? ? 1_555 A DC 10 N3 ? ? A DG 4 A DC 10 1_555 ? ? ? ? ? ? WATSON-CRICK ? ? ? 
hydrog11 hydrog ? ? A DG 4 N2 ? ? ? 1_555 A DC 10 O2 ? ? A DG 4 A DC 10 1_555 ? ? ? ? ? ? WATSON-CRICK ? ? ? 
hydrog12 hydrog ? ? A DG 4 O6 ? ? ? 1_555 A DC 10 N4 ? ? A DG 4 A DC 10 1_555 ? ? ? ? ? ? WATSON-CRICK ? ? ? 
hydrog13 hydrog ? ? A DG 5 N1 ? ? ? 1_555 A DC 9  N3 ? ? A DG 5 A DC 9  1_555 ? ? ? ? ? ? WATSON-CRICK ? ? ? 
hydrog14 hydrog ? ? A DG 5 N2 ? ? ? 1_555 A DC 9  O2 ? ? A DG 5 A DC 9  1_555 ? ? ? ? ? ? WATSON-CRICK ? ? ? 
hydrog15 hydrog ? ? A DG 5 O6 ? ? ? 1_555 A DC 9  N4 ? ? A DG 5 A DC 9  1_555 ? ? ? ? ? ? WATSON-CRICK ? ? ? 
# 
_struct_conn_type.id          hydrog 
_struct_conn_type.criteria    ? 
_struct_conn_type.reference   ? 
# 
loop_
_pdbx_validate_rmsd_angle.id 
_pdbx_validate_rmsd_angle.PDB_model_num 
_pdbx_validate_rmsd_angle.auth_atom_id_1 
_pdbx_validate_rmsd_angle.auth_asym_id_1 
_pdbx_validate_rmsd_angle.auth_comp_id_1 
_pdbx_validate_rmsd_angle.auth_seq_id_1 
_pdbx_validate_rmsd_angle.PDB_ins_code_1 
_pdbx_validate_rmsd_angle.label_alt_id_1 
_pdbx_validate_rmsd_angle.auth_atom_id_2 
_pdbx_validate_rmsd_angle.auth_asym_id_2 
_pdbx_validate_rmsd_angle.auth_comp_id_2 
_pdbx_validate_rmsd_angle.auth_seq_id_2 
_pdbx_validate_rmsd_angle.PDB_ins_code_2 
_pdbx_validate_rmsd_angle.label_alt_id_2 
_pdbx_validate_rmsd_angle.auth_atom_id_3 
_pdbx_validate_rmsd_angle.auth_asym_id_3 
_pdbx_validate_rmsd_angle.auth_comp_id_3 
_pdbx_validate_rmsd_angle.auth_seq_id_3 
_pdbx_validate_rmsd_angle.PDB_ins_code_3 
_pdbx_validate_rmsd_angle.label_alt_id_3 
_pdbx_validate_rmsd_angle.angle_value 
_pdbx_validate_rmsd_angle.angle_target_value 
_pdbx_validate_rmsd_angle.angle_deviation 
_pdbx_validate_rmsd_angle.angle_standard_deviation 
_pdbx_validate_rmsd_angle.linker_flag 
1  1 "O4'" A DC 1  ? ? "C1'" A DC 1  ? ? N1 A DC 1  ? ? 111.97 108.30 3.67  0.30 N 
2  1 "O4'" A DG 2  ? ? "C1'" A DG 2  ? ? N9 A DG 2  ? ? 111.35 108.30 3.05  0.30 N 
3  1 N7    A DG 2  ? ? C8    A DG 2  ? ? N9 A DG 2  ? ? 117.69 113.10 4.59  0.50 N 
4  1 C8    A DG 2  ? ? N9    A DG 2  ? ? C4 A DG 2  ? ? 103.86 106.40 -2.54 0.40 N 
5  1 "O4'" A DC 3  ? ? "C1'" A DC 3  ? ? N1 A DC 3  ? ? 111.03 108.30 2.73  0.30 N 
6  1 "O4'" A DG 4  ? ? "C1'" A DG 4  ? ? N9 A DG 4  ? ? 111.10 108.30 2.80  0.30 N 
7  1 N7    A DG 4  ? ? C8    A DG 4  ? ? N9 A DG 4  ? ? 117.52 113.10 4.42  0.50 N 
8  1 C8    A DG 4  ? ? N9    A DG 4  ? ? C4 A DG 4  ? ? 103.93 106.40 -2.47 0.40 N 
9  1 "O4'" A DG 5  ? ? "C1'" A DG 5  ? ? N9 A DG 5  ? ? 110.46 108.30 2.16  0.30 N 
10 1 N7    A DG 5  ? ? C8    A DG 5  ? ? N9 A DG 5  ? ? 118.38 113.10 5.28  0.50 N 
11 1 C8    A DG 5  ? ? N9    A DG 5  ? ? C4 A DG 5  ? ? 103.93 106.40 -2.47 0.40 N 
12 1 "O4'" A DT 6  ? ? "C1'" A DT 6  ? ? N1 A DT 6  ? ? 112.94 108.30 4.64  0.30 N 
13 1 "O4'" A DG 7  ? ? "C1'" A DG 7  ? ? N9 A DG 7  ? ? 113.79 108.30 5.49  0.30 N 
14 1 N7    A DG 7  ? ? C8    A DG 7  ? ? N9 A DG 7  ? ? 117.55 113.10 4.45  0.50 N 
15 1 C8    A DG 7  ? ? N9    A DG 7  ? ? C4 A DG 7  ? ? 103.82 106.40 -2.58 0.40 N 
16 1 "O4'" A DT 8  ? ? "C1'" A DT 8  ? ? N1 A DT 8  ? ? 112.10 108.30 3.80  0.30 N 
17 1 "O4'" A DC 9  ? ? "C1'" A DC 9  ? ? N1 A DC 9  ? ? 111.05 108.30 2.75  0.30 N 
18 1 "O4'" A DC 10 ? ? "C1'" A DC 10 ? ? N1 A DC 10 ? ? 111.49 108.30 3.19  0.30 N 
19 1 "O4'" A DG 11 ? ? "C1'" A DG 11 ? ? N9 A DG 11 ? ? 111.58 108.30 3.28  0.30 N 
20 1 N7    A DG 11 ? ? C8    A DG 11 ? ? N9 A DG 11 ? ? 117.77 113.10 4.67  0.50 N 
21 1 C8    A DG 11 ? ? N9    A DG 11 ? ? C4 A DG 11 ? ? 103.85 106.40 -2.55 0.40 N 
22 1 "O4'" A DC 12 ? ? "C1'" A DC 12 ? ? N1 A DC 12 ? ? 110.95 108.30 2.65  0.30 N 
23 1 "O4'" A DG 13 ? ? "C1'" A DG 13 ? ? N9 A DG 13 ? ? 111.83 108.30 3.53  0.30 N 
24 1 N7    A DG 13 ? ? C8    A DG 13 ? ? N9 A DG 13 ? ? 117.58 113.10 4.48  0.50 N 
25 1 C8    A DG 13 ? ? N9    A DG 13 ? ? C4 A DG 13 ? ? 103.52 106.40 -2.88 0.40 N 
# 
_pdbx_nmr_ensemble.entry_id                             1LA8 
_pdbx_nmr_ensemble.conformers_calculated_total_number   ? 
_pdbx_nmr_ensemble.conformers_submitted_total_number    1 
_pdbx_nmr_ensemble.conformer_selection_criteria         ? 
# 
_pdbx_nmr_representative.entry_id             1LA8 
_pdbx_nmr_representative.conformer_id         1 
_pdbx_nmr_representative.selection_criteria   'minimized average structure' 
# 
loop_
_pdbx_nmr_sample_details.solution_id 
_pdbx_nmr_sample_details.contents 
_pdbx_nmr_sample_details.solvent_system 
1 '1.8 mM DNA, 10 mM Sodium Phosphate, 100 mM NaCl, 50 uM EDTA' D2O     
2 '1.8 mM DNA, 1 mM Sodium Phosphate, 100 mM NaCl, 50 uM EDTA'  H2O/D2O 
# 
loop_
_pdbx_nmr_exptl_sample_conditions.conditions_id 
_pdbx_nmr_exptl_sample_conditions.temperature 
_pdbx_nmr_exptl_sample_conditions.pressure 
_pdbx_nmr_exptl_sample_conditions.pH 
_pdbx_nmr_exptl_sample_conditions.ionic_strength 
_pdbx_nmr_exptl_sample_conditions.pressure_units 
_pdbx_nmr_exptl_sample_conditions.temperature_units 
1 303 ambient 6.8 '100 mM NaCl' ? K 
2 278 ambient 6.8 '100 mM NaCl' ? K 
# 
loop_
_pdbx_nmr_exptl.experiment_id 
_pdbx_nmr_exptl.solution_id 
_pdbx_nmr_exptl.conditions_id 
_pdbx_nmr_exptl.type 
1 1 1 '2D NOESY'    
2 1 1 DQF-COSY      
3 1 1 '31P-1H COSY' 
4 2 2 '2D NOESY'    
# 
_pdbx_nmr_refine.entry_id           1LA8 
_pdbx_nmr_refine.method             'Molecular Dynamics using a simulated annealing protocol' 
_pdbx_nmr_refine.details            ? 
_pdbx_nmr_refine.software_ordinal   1 
# 
loop_
_pdbx_nmr_software.name 
_pdbx_nmr_software.version 
_pdbx_nmr_software.classification 
_pdbx_nmr_software.authors 
_pdbx_nmr_software.ordinal 
UXNMR     3.0          collection                    Bruker            1 
Felix     '97.0, 2000' 'data analysis'               'Hare, D.'        2 
MARDIGRAS 3.2          'iterative matrix relaxation' 'Borgias & James' 3 
X-PLOR    3.8          refinement                    Brunger           4 
# 
loop_
_chem_comp_atom.comp_id 
_chem_comp_atom.atom_id 
_chem_comp_atom.type_symbol 
_chem_comp_atom.pdbx_aromatic_flag 
_chem_comp_atom.pdbx_stereo_config 
_chem_comp_atom.pdbx_ordinal 
DC OP3    O N N 1   
DC P      P N N 2   
DC OP1    O N N 3   
DC OP2    O N N 4   
DC "O5'"  O N N 5   
DC "C5'"  C N N 6   
DC "C4'"  C N R 7   
DC "O4'"  O N N 8   
DC "C3'"  C N S 9   
DC "O3'"  O N N 10  
DC "C2'"  C N N 11  
DC "C1'"  C N R 12  
DC N1     N N N 13  
DC C2     C N N 14  
DC O2     O N N 15  
DC N3     N N N 16  
DC C4     C N N 17  
DC N4     N N N 18  
DC C5     C N N 19  
DC C6     C N N 20  
DC HOP3   H N N 21  
DC HOP2   H N N 22  
DC "H5'"  H N N 23  
DC "H5''" H N N 24  
DC "H4'"  H N N 25  
DC "H3'"  H N N 26  
DC "HO3'" H N N 27  
DC "H2'"  H N N 28  
DC "H2''" H N N 29  
DC "H1'"  H N N 30  
DC H41    H N N 31  
DC H42    H N N 32  
DC H5     H N N 33  
DC H6     H N N 34  
DG OP3    O N N 35  
DG P      P N N 36  
DG OP1    O N N 37  
DG OP2    O N N 38  
DG "O5'"  O N N 39  
DG "C5'"  C N N 40  
DG "C4'"  C N R 41  
DG "O4'"  O N N 42  
DG "C3'"  C N S 43  
DG "O3'"  O N N 44  
DG "C2'"  C N N 45  
DG "C1'"  C N R 46  
DG N9     N Y N 47  
DG C8     C Y N 48  
DG N7     N Y N 49  
DG C5     C Y N 50  
DG C6     C N N 51  
DG O6     O N N 52  
DG N1     N N N 53  
DG C2     C N N 54  
DG N2     N N N 55  
DG N3     N N N 56  
DG C4     C Y N 57  
DG HOP3   H N N 58  
DG HOP2   H N N 59  
DG "H5'"  H N N 60  
DG "H5''" H N N 61  
DG "H4'"  H N N 62  
DG "H3'"  H N N 63  
DG "HO3'" H N N 64  
DG "H2'"  H N N 65  
DG "H2''" H N N 66  
DG "H1'"  H N N 67  
DG H8     H N N 68  
DG H1     H N N 69  
DG H21    H N N 70  
DG H22    H N N 71  
DT OP3    O N N 72  
DT P      P N N 73  
DT OP1    O N N 74  
DT OP2    O N N 75  
DT "O5'"  O N N 76  
DT "C5'"  C N N 77  
DT "C4'"  C N R 78  
DT "O4'"  O N N 79  
DT "C3'"  C N S 80  
DT "O3'"  O N N 81  
DT "C2'"  C N N 82  
DT "C1'"  C N R 83  
DT N1     N N N 84  
DT C2     C N N 85  
DT O2     O N N 86  
DT N3     N N N 87  
DT C4     C N N 88  
DT O4     O N N 89  
DT C5     C N N 90  
DT C7     C N N 91  
DT C6     C N N 92  
DT HOP3   H N N 93  
DT HOP2   H N N 94  
DT "H5'"  H N N 95  
DT "H5''" H N N 96  
DT "H4'"  H N N 97  
DT "H3'"  H N N 98  
DT "HO3'" H N N 99  
DT "H2'"  H N N 100 
DT "H2''" H N N 101 
DT "H1'"  H N N 102 
DT H3     H N N 103 
DT H71    H N N 104 
DT H72    H N N 105 
DT H73    H N N 106 
DT H6     H N N 107 
# 
loop_
_chem_comp_bond.comp_id 
_chem_comp_bond.atom_id_1 
_chem_comp_bond.atom_id_2 
_chem_comp_bond.value_order 
_chem_comp_bond.pdbx_aromatic_flag 
_chem_comp_bond.pdbx_stereo_config 
_chem_comp_bond.pdbx_ordinal 
DC OP3   P      sing N N 1   
DC OP3   HOP3   sing N N 2   
DC P     OP1    doub N N 3   
DC P     OP2    sing N N 4   
DC P     "O5'"  sing N N 5   
DC OP2   HOP2   sing N N 6   
DC "O5'" "C5'"  sing N N 7   
DC "C5'" "C4'"  sing N N 8   
DC "C5'" "H5'"  sing N N 9   
DC "C5'" "H5''" sing N N 10  
DC "C4'" "O4'"  sing N N 11  
DC "C4'" "C3'"  sing N N 12  
DC "C4'" "H4'"  sing N N 13  
DC "O4'" "C1'"  sing N N 14  
DC "C3'" "O3'"  sing N N 15  
DC "C3'" "C2'"  sing N N 16  
DC "C3'" "H3'"  sing N N 17  
DC "O3'" "HO3'" sing N N 18  
DC "C2'" "C1'"  sing N N 19  
DC "C2'" "H2'"  sing N N 20  
DC "C2'" "H2''" sing N N 21  
DC "C1'" N1     sing N N 22  
DC "C1'" "H1'"  sing N N 23  
DC N1    C2     sing N N 24  
DC N1    C6     sing N N 25  
DC C2    O2     doub N N 26  
DC C2    N3     sing N N 27  
DC N3    C4     doub N N 28  
DC C4    N4     sing N N 29  
DC C4    C5     sing N N 30  
DC N4    H41    sing N N 31  
DC N4    H42    sing N N 32  
DC C5    C6     doub N N 33  
DC C5    H5     sing N N 34  
DC C6    H6     sing N N 35  
DG OP3   P      sing N N 36  
DG OP3   HOP3   sing N N 37  
DG P     OP1    doub N N 38  
DG P     OP2    sing N N 39  
DG P     "O5'"  sing N N 40  
DG OP2   HOP2   sing N N 41  
DG "O5'" "C5'"  sing N N 42  
DG "C5'" "C4'"  sing N N 43  
DG "C5'" "H5'"  sing N N 44  
DG "C5'" "H5''" sing N N 45  
DG "C4'" "O4'"  sing N N 46  
DG "C4'" "C3'"  sing N N 47  
DG "C4'" "H4'"  sing N N 48  
DG "O4'" "C1'"  sing N N 49  
DG "C3'" "O3'"  sing N N 50  
DG "C3'" "C2'"  sing N N 51  
DG "C3'" "H3'"  sing N N 52  
DG "O3'" "HO3'" sing N N 53  
DG "C2'" "C1'"  sing N N 54  
DG "C2'" "H2'"  sing N N 55  
DG "C2'" "H2''" sing N N 56  
DG "C1'" N9     sing N N 57  
DG "C1'" "H1'"  sing N N 58  
DG N9    C8     sing Y N 59  
DG N9    C4     sing Y N 60  
DG C8    N7     doub Y N 61  
DG C8    H8     sing N N 62  
DG N7    C5     sing Y N 63  
DG C5    C6     sing N N 64  
DG C5    C4     doub Y N 65  
DG C6    O6     doub N N 66  
DG C6    N1     sing N N 67  
DG N1    C2     sing N N 68  
DG N1    H1     sing N N 69  
DG C2    N2     sing N N 70  
DG C2    N3     doub N N 71  
DG N2    H21    sing N N 72  
DG N2    H22    sing N N 73  
DG N3    C4     sing N N 74  
DT OP3   P      sing N N 75  
DT OP3   HOP3   sing N N 76  
DT P     OP1    doub N N 77  
DT P     OP2    sing N N 78  
DT P     "O5'"  sing N N 79  
DT OP2   HOP2   sing N N 80  
DT "O5'" "C5'"  sing N N 81  
DT "C5'" "C4'"  sing N N 82  
DT "C5'" "H5'"  sing N N 83  
DT "C5'" "H5''" sing N N 84  
DT "C4'" "O4'"  sing N N 85  
DT "C4'" "C3'"  sing N N 86  
DT "C4'" "H4'"  sing N N 87  
DT "O4'" "C1'"  sing N N 88  
DT "C3'" "O3'"  sing N N 89  
DT "C3'" "C2'"  sing N N 90  
DT "C3'" "H3'"  sing N N 91  
DT "O3'" "HO3'" sing N N 92  
DT "C2'" "C1'"  sing N N 93  
DT "C2'" "H2'"  sing N N 94  
DT "C2'" "H2''" sing N N 95  
DT "C1'" N1     sing N N 96  
DT "C1'" "H1'"  sing N N 97  
DT N1    C2     sing N N 98  
DT N1    C6     sing N N 99  
DT C2    O2     doub N N 100 
DT C2    N3     sing N N 101 
DT N3    C4     sing N N 102 
DT N3    H3     sing N N 103 
DT C4    O4     doub N N 104 
DT C4    C5     sing N N 105 
DT C5    C7     sing N N 106 
DT C5    C6     doub N N 107 
DT C7    H71    sing N N 108 
DT C7    H72    sing N N 109 
DT C7    H73    sing N N 110 
DT C6    H6     sing N N 111 
# 
loop_
_ndb_struct_conf_na.entry_id 
_ndb_struct_conf_na.feature 
1LA8 'double helix'        
1LA8 'b-form double helix' 
1LA8 'hairpin loop'        
# 
loop_
_ndb_struct_na_base_pair.model_number 
_ndb_struct_na_base_pair.i_label_asym_id 
_ndb_struct_na_base_pair.i_label_comp_id 
_ndb_struct_na_base_pair.i_label_seq_id 
_ndb_struct_na_base_pair.i_symmetry 
_ndb_struct_na_base_pair.j_label_asym_id 
_ndb_struct_na_base_pair.j_label_comp_id 
_ndb_struct_na_base_pair.j_label_seq_id 
_ndb_struct_na_base_pair.j_symmetry 
_ndb_struct_na_base_pair.shear 
_ndb_struct_na_base_pair.stretch 
_ndb_struct_na_base_pair.stagger 
_ndb_struct_na_base_pair.buckle 
_ndb_struct_na_base_pair.propeller 
_ndb_struct_na_base_pair.opening 
_ndb_struct_na_base_pair.pair_number 
_ndb_struct_na_base_pair.pair_name 
_ndb_struct_na_base_pair.i_auth_asym_id 
_ndb_struct_na_base_pair.i_auth_seq_id 
_ndb_struct_na_base_pair.i_PDB_ins_code 
_ndb_struct_na_base_pair.j_auth_asym_id 
_ndb_struct_na_base_pair.j_auth_seq_id 
_ndb_struct_na_base_pair.j_PDB_ins_code 
_ndb_struct_na_base_pair.hbond_type_28 
_ndb_struct_na_base_pair.hbond_type_12 
1 A DC 1 1_555 A DG 13 1_555 0.221  -0.075 0.223  -12.949 -0.104 -0.749 1 A_DC1:DG13_A A 1 ? A 13 ? 19 1 
1 A DG 2 1_555 A DC 12 1_555 -0.153 -0.123 0.026  5.200   2.786  -3.053 2 A_DG2:DC12_A A 2 ? A 12 ? 19 1 
1 A DC 3 1_555 A DG 11 1_555 0.156  -0.108 0.005  -2.493  -1.406 -2.956 3 A_DC3:DG11_A A 3 ? A 11 ? 19 1 
1 A DG 4 1_555 A DC 10 1_555 -0.124 -0.123 -0.381 11.288  -6.035 2.036  4 A_DG4:DC10_A A 4 ? A 10 ? 19 1 
1 A DG 5 1_555 A DC 9  1_555 -0.192 -0.085 0.331  20.103  -2.590 -5.055 5 A_DG5:DC9_A  A 5 ? A 9  ? 19 1 
# 
loop_
_ndb_struct_na_base_pair_step.model_number 
_ndb_struct_na_base_pair_step.i_label_asym_id_1 
_ndb_struct_na_base_pair_step.i_label_comp_id_1 
_ndb_struct_na_base_pair_step.i_label_seq_id_1 
_ndb_struct_na_base_pair_step.i_symmetry_1 
_ndb_struct_na_base_pair_step.j_label_asym_id_1 
_ndb_struct_na_base_pair_step.j_label_comp_id_1 
_ndb_struct_na_base_pair_step.j_label_seq_id_1 
_ndb_struct_na_base_pair_step.j_symmetry_1 
_ndb_struct_na_base_pair_step.i_label_asym_id_2 
_ndb_struct_na_base_pair_step.i_label_comp_id_2 
_ndb_struct_na_base_pair_step.i_label_seq_id_2 
_ndb_struct_na_base_pair_step.i_symmetry_2 
_ndb_struct_na_base_pair_step.j_label_asym_id_2 
_ndb_struct_na_base_pair_step.j_label_comp_id_2 
_ndb_struct_na_base_pair_step.j_label_seq_id_2 
_ndb_struct_na_base_pair_step.j_symmetry_2 
_ndb_struct_na_base_pair_step.shift 
_ndb_struct_na_base_pair_step.slide 
_ndb_struct_na_base_pair_step.rise 
_ndb_struct_na_base_pair_step.tilt 
_ndb_struct_na_base_pair_step.roll 
_ndb_struct_na_base_pair_step.twist 
_ndb_struct_na_base_pair_step.x_displacement 
_ndb_struct_na_base_pair_step.y_displacement 
_ndb_struct_na_base_pair_step.helical_rise 
_ndb_struct_na_base_pair_step.inclination 
_ndb_struct_na_base_pair_step.tip 
_ndb_struct_na_base_pair_step.helical_twist 
_ndb_struct_na_base_pair_step.step_number 
_ndb_struct_na_base_pair_step.step_name 
_ndb_struct_na_base_pair_step.i_auth_asym_id_1 
_ndb_struct_na_base_pair_step.i_auth_seq_id_1 
_ndb_struct_na_base_pair_step.i_PDB_ins_code_1 
_ndb_struct_na_base_pair_step.j_auth_asym_id_1 
_ndb_struct_na_base_pair_step.j_auth_seq_id_1 
_ndb_struct_na_base_pair_step.j_PDB_ins_code_1 
_ndb_struct_na_base_pair_step.i_auth_asym_id_2 
_ndb_struct_na_base_pair_step.i_auth_seq_id_2 
_ndb_struct_na_base_pair_step.i_PDB_ins_code_2 
_ndb_struct_na_base_pair_step.j_auth_asym_id_2 
_ndb_struct_na_base_pair_step.j_auth_seq_id_2 
_ndb_struct_na_base_pair_step.j_PDB_ins_code_2 
1 A DC 1 1_555 A DG 13 1_555 A DG 2 1_555 A DC 12 1_555 -0.729 0.526  3.088 1.158  -8.262 37.030 1.787  1.258  2.885 -12.810 
-1.795 37.926 1 AA_DC1DG2:DC12DG13_AA A 1 ? A 13 ? A 2 ? A 12 ? 
1 A DG 2 1_555 A DC 12 1_555 A DC 3 1_555 A DG 11 1_555 0.028  -0.033 4.246 1.345  4.429  36.172 -0.849 0.197  4.211 7.097   
-2.155 36.457 2 AA_DG2DC3:DG11DC12_AA A 2 ? A 12 ? A 3 ? A 11 ? 
1 A DC 3 1_555 A DG 11 1_555 A DG 4 1_555 A DC 10 1_555 0.784  0.601  3.266 3.632  0.846  34.068 0.885  -0.753 3.343 1.439   
-6.175 34.265 3 AA_DC3DG4:DC10DG11_AA A 3 ? A 11 ? A 4 ? A 10 ? 
1 A DG 4 1_555 A DC 10 1_555 A DG 5 1_555 A DC 9  1_555 -1.369 0.872  2.753 -9.197 3.538  40.118 0.895  1.052  3.044 5.066   
13.167 41.262 4 AA_DG4DG5:DC9DC10_AA  A 4 ? A 10 ? A 5 ? A 9  ? 
# 
_pdbx_nmr_spectrometer.spectrometer_id   1 
_pdbx_nmr_spectrometer.type              ? 
_pdbx_nmr_spectrometer.manufacturer      Bruker 
_pdbx_nmr_spectrometer.model             DRX 
_pdbx_nmr_spectrometer.field_strength    500 
# 
_atom_sites.entry_id                    1LA8 
_atom_sites.fract_transf_matrix[1][1]   1.000000 
_atom_sites.fract_transf_matrix[1][2]   0.000000 
_atom_sites.fract_transf_matrix[1][3]   0.000000 
_atom_sites.fract_transf_matrix[2][1]   0.000000 
_atom_sites.fract_transf_matrix[2][2]   1.000000 
_atom_sites.fract_transf_matrix[2][3]   0.000000 
_atom_sites.fract_transf_matrix[3][1]   0.000000 
_atom_sites.fract_transf_matrix[3][2]   0.000000 
_atom_sites.fract_transf_matrix[3][3]   1.000000 
_atom_sites.fract_transf_vector[1]      0.00000 
_atom_sites.fract_transf_vector[2]      0.00000 
_atom_sites.fract_transf_vector[3]      0.00000 
# 
loop_
_atom_type.symbol 
C 
H 
N 
O 
P 
# 
loop_
_atom_site.group_PDB 
_atom_site.id 
_atom_site.type_symbol 
_atom_site.label_atom_id 
_atom_site.label_alt_id 
_atom_site.label_comp_id 
_atom_site.label_asym_id 
_atom_site.label_entity_id 
_atom_site.label_seq_id 
_atom_site.pdbx_PDB_ins_code 
_atom_site.Cartn_x 
_atom_site.Cartn_y 
_atom_site.Cartn_z 
_atom_site.occupancy 
_atom_site.B_iso_or_equiv 
_atom_site.pdbx_formal_charge 
_atom_site.auth_seq_id 
_atom_site.auth_comp_id 
_atom_site.auth_asym_id 
_atom_site.auth_atom_id 
_atom_site.pdbx_PDB_model_num 
ATOM 1   O "O5'"  . DC A 1 1  ? -2.169  2.484   14.040  1.00 0.29 ? 1  DC A "O5'"  1 
ATOM 2   C "C5'"  . DC A 1 1  ? -3.218  3.385   14.407  1.00 0.29 ? 1  DC A "C5'"  1 
ATOM 3   C "C4'"  . DC A 1 1  ? -3.722  4.180   13.204  1.00 0.24 ? 1  DC A "C4'"  1 
ATOM 4   O "O4'"  . DC A 1 1  ? -2.643  4.943   12.597  1.00 0.24 ? 1  DC A "O4'"  1 
ATOM 5   C "C3'"  . DC A 1 1  ? -4.271  3.255   12.126  1.00 0.19 ? 1  DC A "C3'"  1 
ATOM 6   O "O3'"  . DC A 1 1  ? -5.451  3.802   11.518  1.00 0.17 ? 1  DC A "O3'"  1 
ATOM 7   C "C2'"  . DC A 1 1  ? -3.153  3.159   11.136  1.00 0.16 ? 1  DC A "C2'"  1 
ATOM 8   C "C1'"  . DC A 1 1  ? -2.452  4.494   11.234  1.00 0.18 ? 1  DC A "C1'"  1 
ATOM 9   N N1     . DC A 1 1  ? -1.019  4.370   10.888  1.00 0.19 ? 1  DC A N1     1 
ATOM 10  C C2     . DC A 1 1  ? -0.584  5.015   9.739   1.00 0.19 ? 1  DC A C2     1 
ATOM 11  O O2     . DC A 1 1  ? -1.373  5.669   9.058   1.00 0.19 ? 1  DC A O2     1 
ATOM 12  N N3     . DC A 1 1  ? 0.725   4.897   9.390   1.00 0.21 ? 1  DC A N3     1 
ATOM 13  C C4     . DC A 1 1  ? 1.575   4.177   10.133  1.00 0.23 ? 1  DC A C4     1 
ATOM 14  N N4     . DC A 1 1  ? 2.852   4.081   9.758   1.00 0.25 ? 1  DC A N4     1 
ATOM 15  C C5     . DC A 1 1  ? 1.132   3.511   11.320  1.00 0.24 ? 1  DC A C5     1 
ATOM 16  C C6     . DC A 1 1  ? -0.167  3.634   11.660  1.00 0.22 ? 1  DC A C6     1 
ATOM 17  H "H5'"  . DC A 1 1  ? -2.843  4.079   15.160  1.00 0.33 ? 1  DC A "H5'"  1 
ATOM 18  H "H5''" . DC A 1 1  ? -4.045  2.815   14.830  1.00 0.31 ? 1  DC A "H5''" 1 
ATOM 19  H "H4'"  . DC A 1 1  ? -4.504  4.866   13.527  1.00 0.26 ? 1  DC A "H4'"  1 
ATOM 20  H "H3'"  . DC A 1 1  ? -4.482  2.270   12.551  1.00 0.22 ? 1  DC A "H3'"  1 
ATOM 21  H "H2'"  . DC A 1 1  ? -2.474  2.352   11.414  1.00 0.18 ? 1  DC A "H2'"  1 
ATOM 22  H "H2''" . DC A 1 1  ? -3.538  3.004   10.134  1.00 0.13 ? 1  DC A "H2''" 1 
ATOM 23  H "H1'"  . DC A 1 1  ? -2.929  5.202   10.555  1.00 0.17 ? 1  DC A "H1'"  1 
ATOM 24  H H41    . DC A 1 1  ? 3.171   4.549   8.922   1.00 0.25 ? 1  DC A H41    1 
ATOM 25  H H42    . DC A 1 1  ? 3.502   3.540   10.311  1.00 0.27 ? 1  DC A H42    1 
ATOM 26  H H5     . DC A 1 1  ? 1.821   2.924   11.928  1.00 0.27 ? 1  DC A H5     1 
ATOM 27  H H6     . DC A 1 1  ? -0.538  3.142   12.559  1.00 0.24 ? 1  DC A H6     1 
ATOM 28  H "HO5'" . DC A 1 1  ? -2.532  1.870   13.398  1.00 0.80 ? 1  DC A "HO5'" 1 
ATOM 29  P P      . DG A 1 2  ? -6.486  2.857   10.716  1.00 0.17 ? 2  DG A P      1 
ATOM 30  O OP1    . DG A 1 2  ? -7.806  2.951   11.381  1.00 0.20 ? 2  DG A OP1    1 
ATOM 31  O OP2    . DG A 1 2  ? -5.853  1.533   10.521  1.00 0.18 ? 2  DG A OP2    1 
ATOM 32  O "O5'"  . DG A 1 2  ? -6.591  3.580   9.278   1.00 0.12 ? 2  DG A "O5'"  1 
ATOM 33  C "C5'"  . DG A 1 2  ? -7.263  4.837   9.140   1.00 0.12 ? 2  DG A "C5'"  1 
ATOM 34  C "C4'"  . DG A 1 2  ? -7.118  5.409   7.728   1.00 0.10 ? 2  DG A "C4'"  1 
ATOM 35  O "O4'"  . DG A 1 2  ? -5.718  5.625   7.409   1.00 0.09 ? 2  DG A "O4'"  1 
ATOM 36  C "C3'"  . DG A 1 2  ? -7.653  4.449   6.677   1.00 0.11 ? 2  DG A "C3'"  1 
ATOM 37  O "O3'"  . DG A 1 2  ? -8.241  5.152   5.575   1.00 0.11 ? 2  DG A "O3'"  1 
ATOM 38  C "C2'"  . DG A 1 2  ? -6.443  3.705   6.238   1.00 0.11 ? 2  DG A "C2'"  1 
ATOM 39  C "C1'"  . DG A 1 2  ? -5.322  4.700   6.365   1.00 0.09 ? 2  DG A "C1'"  1 
ATOM 40  N N9     . DG A 1 2  ? -4.063  4.019   6.703   1.00 0.09 ? 2  DG A N9     1 
ATOM 41  C C8     . DG A 1 2  ? -3.843  3.028   7.597   1.00 0.10 ? 2  DG A C8     1 
ATOM 42  N N7     . DG A 1 2  ? -2.640  2.574   7.705   1.00 0.09 ? 2  DG A N7     1 
ATOM 43  C C5     . DG A 1 2  ? -1.958  3.353   6.765   1.00 0.09 ? 2  DG A C5     1 
ATOM 44  C C6     . DG A 1 2  ? -0.588  3.340   6.399   1.00 0.10 ? 2  DG A C6     1 
ATOM 45  O O6     . DG A 1 2  ? 0.312   2.629   6.839   1.00 0.10 ? 2  DG A O6     1 
ATOM 46  N N1     . DG A 1 2  ? -0.313  4.282   5.415   1.00 0.11 ? 2  DG A N1     1 
ATOM 47  C C2     . DG A 1 2  ? -1.240  5.135   4.849   1.00 0.11 ? 2  DG A C2     1 
ATOM 48  N N2     . DG A 1 2  ? -0.784  5.970   3.915   1.00 0.12 ? 2  DG A N2     1 
ATOM 49  N N3     . DG A 1 2  ? -2.533  5.153   5.189   1.00 0.09 ? 2  DG A N3     1 
ATOM 50  C C4     . DG A 1 2  ? -2.823  4.243   6.147   1.00 0.09 ? 2  DG A C4     1 
ATOM 51  H "H5'"  . DG A 1 2  ? -6.834  5.541   9.851   1.00 0.12 ? 2  DG A "H5'"  1 
ATOM 52  H "H5''" . DG A 1 2  ? -8.321  4.703   9.366   1.00 0.13 ? 2  DG A "H5''" 1 
ATOM 53  H "H4'"  . DG A 1 2  ? -7.650  6.356   7.661   1.00 0.10 ? 2  DG A "H4'"  1 
ATOM 54  H "H3'"  . DG A 1 2  ? -8.373  3.763   7.122   1.00 0.13 ? 2  DG A "H3'"  1 
ATOM 55  H "H2'"  . DG A 1 2  ? -6.264  2.858   6.888   1.00 0.11 ? 2  DG A "H2'"  1 
ATOM 56  H "H2''" . DG A 1 2  ? -6.548  3.379   5.213   1.00 0.11 ? 2  DG A "H2''" 1 
ATOM 57  H "H1'"  . DG A 1 2  ? -5.216  5.229   5.427   1.00 0.09 ? 2  DG A "H1'"  1 
ATOM 58  H H8     . DG A 1 2  ? -4.662  2.623   8.195   1.00 0.11 ? 2  DG A H8     1 
ATOM 59  H H1     . DG A 1 2  ? 0.645   4.325   5.099   1.00 0.12 ? 2  DG A H1     1 
ATOM 60  H H21    . DG A 1 2  ? 0.193   5.956   3.658   1.00 0.14 ? 2  DG A H21    1 
ATOM 61  H H22    . DG A 1 2  ? -1.416  6.617   3.464   1.00 0.13 ? 2  DG A H22    1 
ATOM 62  P P      . DC A 1 3  ? -9.085  4.368   4.445   1.00 0.13 ? 3  DC A P      1 
ATOM 63  O OP1    . DC A 1 3  ? -10.300 5.157   4.143   1.00 0.14 ? 3  DC A OP1    1 
ATOM 64  O OP2    . DC A 1 3  ? -9.209  2.949   4.851   1.00 0.15 ? 3  DC A OP2    1 
ATOM 65  O "O5'"  . DC A 1 3  ? -8.101  4.443   3.167   1.00 0.12 ? 3  DC A "O5'"  1 
ATOM 66  C "C5'"  . DC A 1 3  ? -7.780  5.711   2.586   1.00 0.11 ? 3  DC A "C5'"  1 
ATOM 67  C "C4'"  . DC A 1 3  ? -6.803  5.600   1.412   1.00 0.11 ? 3  DC A "C4'"  1 
ATOM 68  O "O4'"  . DC A 1 3  ? -5.495  5.140   1.842   1.00 0.12 ? 3  DC A "O4'"  1 
ATOM 69  C "C3'"  . DC A 1 3  ? -7.288  4.625   0.346   1.00 0.10 ? 3  DC A "C3'"  1 
ATOM 70  O "O3'"  . DC A 1 3  ? -7.183  5.176   -0.965  1.00 0.10 ? 3  DC A "O3'"  1 
ATOM 71  C "C2'"  . DC A 1 3  ? -6.397  3.438   0.470   1.00 0.11 ? 3  DC A "C2'"  1 
ATOM 72  C "C1'"  . DC A 1 3  ? -5.120  3.968   1.076   1.00 0.11 ? 3  DC A "C1'"  1 
ATOM 73  N N1     . DC A 1 3  ? -4.486  2.952   1.939   1.00 0.11 ? 3  DC A N1     1 
ATOM 74  C C2     . DC A 1 3  ? -3.137  2.676   1.759   1.00 0.11 ? 3  DC A C2     1 
ATOM 75  O O2     . DC A 1 3  ? -2.489  3.262   0.893   1.00 0.12 ? 3  DC A O2     1 
ATOM 76  N N3     . DC A 1 3  ? -2.561  1.738   2.565   1.00 0.12 ? 3  DC A N3     1 
ATOM 77  C C4     . DC A 1 3  ? -3.279  1.103   3.502   1.00 0.11 ? 3  DC A C4     1 
ATOM 78  N N4     . DC A 1 3  ? -2.687  0.192   4.276   1.00 0.11 ? 3  DC A N4     1 
ATOM 79  C C5     . DC A 1 3  ? -4.668  1.389   3.683   1.00 0.11 ? 3  DC A C5     1 
ATOM 80  C C6     . DC A 1 3  ? -5.223  2.315   2.882   1.00 0.11 ? 3  DC A C6     1 
ATOM 81  H "H5'"  . DC A 1 3  ? -7.332  6.344   3.356   1.00 0.12 ? 3  DC A "H5'"  1 
ATOM 82  H "H5''" . DC A 1 3  ? -8.700  6.180   2.236   1.00 0.11 ? 3  DC A "H5''" 1 
ATOM 83  H "H4'"  . DC A 1 3  ? -6.690  6.585   0.959   1.00 0.10 ? 3  DC A "H4'"  1 
ATOM 84  H "H3'"  . DC A 1 3  ? -8.314  4.329   0.559   1.00 0.10 ? 3  DC A "H3'"  1 
ATOM 85  H "H2'"  . DC A 1 3  ? -6.858  2.688   1.105   1.00 0.11 ? 3  DC A "H2'"  1 
ATOM 86  H "H2''" . DC A 1 3  ? -6.195  3.023   -0.510  1.00 0.10 ? 3  DC A "H2''" 1 
ATOM 87  H "H1'"  . DC A 1 3  ? -4.439  4.253   0.279   1.00 0.11 ? 3  DC A "H1'"  1 
ATOM 88  H H41    . DC A 1 3  ? -1.705  -0.016  4.153   1.00 0.12 ? 3  DC A H41    1 
ATOM 89  H H42    . DC A 1 3  ? -3.219  -0.291  4.985   1.00 0.11 ? 3  DC A H42    1 
ATOM 90  H H5     . DC A 1 3  ? -5.258  0.874   4.441   1.00 0.11 ? 3  DC A H5     1 
ATOM 91  H H6     . DC A 1 3  ? -6.279  2.557   2.979   1.00 0.11 ? 3  DC A H6     1 
ATOM 92  P P      . DG A 1 4  ? -7.976  4.514   -2.202  1.00 0.09 ? 4  DG A P      1 
ATOM 93  O OP1    . DG A 1 4  ? -8.724  5.583   -2.902  1.00 0.09 ? 4  DG A OP1    1 
ATOM 94  O OP2    . DG A 1 4  ? -8.684  3.307   -1.719  1.00 0.09 ? 4  DG A OP2    1 
ATOM 95  O "O5'"  . DG A 1 4  ? -6.756  4.044   -3.145  1.00 0.10 ? 4  DG A "O5'"  1 
ATOM 96  C "C5'"  . DG A 1 4  ? -5.586  4.862   -3.247  1.00 0.10 ? 4  DG A "C5'"  1 
ATOM 97  C "C4'"  . DG A 1 4  ? -4.392  4.123   -3.852  1.00 0.11 ? 4  DG A "C4'"  1 
ATOM 98  O "O4'"  . DG A 1 4  ? -3.710  3.348   -2.838  1.00 0.12 ? 4  DG A "O4'"  1 
ATOM 99  C "C3'"  . DG A 1 4  ? -4.811  3.166   -4.958  1.00 0.10 ? 4  DG A "C3'"  1 
ATOM 100 O "O3'"  . DG A 1 4  ? -3.900  3.278   -6.072  1.00 0.11 ? 4  DG A "O3'"  1 
ATOM 101 C "C2'"  . DG A 1 4  ? -4.748  1.819   -4.312  1.00 0.08 ? 4  DG A "C2'"  1 
ATOM 102 C "C1'"  . DG A 1 4  ? -3.712  1.961   -3.216  1.00 0.10 ? 4  DG A "C1'"  1 
ATOM 103 N N9     . DG A 1 4  ? -4.013  1.099   -2.063  1.00 0.09 ? 4  DG A N9     1 
ATOM 104 C C8     . DG A 1 4  ? -5.204  0.770   -1.514  1.00 0.09 ? 4  DG A C8     1 
ATOM 105 N N7     . DG A 1 4  ? -5.192  -0.015  -0.487  1.00 0.09 ? 4  DG A N7     1 
ATOM 106 C C5     . DG A 1 4  ? -3.820  -0.246  -0.322  1.00 0.10 ? 4  DG A C5     1 
ATOM 107 C C6     . DG A 1 4  ? -3.132  -1.037  0.639   1.00 0.11 ? 4  DG A C6     1 
ATOM 108 O O6     . DG A 1 4  ? -3.600  -1.703  1.559   1.00 0.12 ? 4  DG A O6     1 
ATOM 109 N N1     . DG A 1 4  ? -1.757  -0.997  0.441   1.00 0.12 ? 4  DG A N1     1 
ATOM 110 C C2     . DG A 1 4  ? -1.116  -0.286  -0.553  1.00 0.11 ? 4  DG A C2     1 
ATOM 111 N N2     . DG A 1 4  ? 0.212   -0.377  -0.587  1.00 0.12 ? 4  DG A N2     1 
ATOM 112 N N3     . DG A 1 4  ? -1.755  0.460   -1.456  1.00 0.10 ? 4  DG A N3     1 
ATOM 113 C C4     . DG A 1 4  ? -3.095  0.435   -1.286  1.00 0.09 ? 4  DG A C4     1 
ATOM 114 H "H5'"  . DG A 1 4  ? -5.313  5.205   -2.251  1.00 0.11 ? 4  DG A "H5'"  1 
ATOM 115 H "H5''" . DG A 1 4  ? -5.815  5.720   -3.860  1.00 0.10 ? 4  DG A "H5''" 1 
ATOM 116 H "H4'"  . DG A 1 4  ? -3.698  4.843   -4.264  1.00 0.12 ? 4  DG A "H4'"  1 
ATOM 117 H "H3'"  . DG A 1 4  ? -5.834  3.384   -5.276  1.00 0.09 ? 4  DG A "H3'"  1 
ATOM 118 H "H2'"  . DG A 1 4  ? -5.722  1.581   -3.875  1.00 0.08 ? 4  DG A "H2'"  1 
ATOM 119 H "H2''" . DG A 1 4  ? -4.455  1.060   -5.026  1.00 0.08 ? 4  DG A "H2''" 1 
ATOM 120 H "H1'"  . DG A 1 4  ? -2.732  1.699   -3.615  1.00 0.10 ? 4  DG A "H1'"  1 
ATOM 121 H H8     . DG A 1 4  ? -6.139  1.146   -1.936  1.00 0.09 ? 4  DG A H8     1 
ATOM 122 H H1     . DG A 1 4  ? -1.203  -1.553  1.076   1.00 0.13 ? 4  DG A H1     1 
ATOM 123 H H21    . DG A 1 4  ? 0.695   -0.946  0.093   1.00 0.13 ? 4  DG A H21    1 
ATOM 124 H H22    . DG A 1 4  ? 0.734   0.119   -1.295  1.00 0.12 ? 4  DG A H22    1 
ATOM 125 P P      . DG A 1 5  ? -4.251  2.705   -7.545  1.00 0.11 ? 5  DG A P      1 
ATOM 126 O OP1    . DG A 1 5  ? -4.387  3.856   -8.466  1.00 0.13 ? 5  DG A OP1    1 
ATOM 127 O OP2    . DG A 1 5  ? -5.360  1.733   -7.413  1.00 0.09 ? 5  DG A OP2    1 
ATOM 128 O "O5'"  . DG A 1 5  ? -2.908  1.888   -7.944  1.00 0.12 ? 5  DG A "O5'"  1 
ATOM 129 C "C5'"  . DG A 1 5  ? -1.762  2.610   -8.429  1.00 0.15 ? 5  DG A "C5'"  1 
ATOM 130 C "C4'"  . DG A 1 5  ? -0.451  1.792   -8.419  1.00 0.16 ? 5  DG A "C4'"  1 
ATOM 131 O "O4'"  . DG A 1 5  ? -0.028  1.448   -7.067  1.00 0.15 ? 5  DG A "O4'"  1 
ATOM 132 C "C3'"  . DG A 1 5  ? -0.511  0.490   -9.210  1.00 0.15 ? 5  DG A "C3'"  1 
ATOM 133 O "O3'"  . DG A 1 5  ? 0.561   0.442   -10.148 1.00 0.18 ? 5  DG A "O3'"  1 
ATOM 134 C "C2'"  . DG A 1 5  ? -0.377  -0.621  -8.212  1.00 0.13 ? 5  DG A "C2'"  1 
ATOM 135 C "C1'"  . DG A 1 5  ? -0.019  0.000   -6.885  1.00 0.13 ? 5  DG A "C1'"  1 
ATOM 136 N N9     . DG A 1 5  ? -1.003  -0.396  -5.872  1.00 0.10 ? 5  DG A N9     1 
ATOM 137 C C8     . DG A 1 5  ? -2.284  -0.035  -5.801  1.00 0.10 ? 5  DG A C8     1 
ATOM 138 N N7     . DG A 1 5  ? -3.000  -0.508  -4.840  1.00 0.10 ? 5  DG A N7     1 
ATOM 139 C C5     . DG A 1 5  ? -2.072  -1.303  -4.166  1.00 0.09 ? 5  DG A C5     1 
ATOM 140 C C6     . DG A 1 5  ? -2.239  -2.100  -3.007  1.00 0.09 ? 5  DG A C6     1 
ATOM 141 O O6     . DG A 1 5  ? -3.257  -2.267  -2.340  1.00 0.10 ? 5  DG A O6     1 
ATOM 142 N N1     . DG A 1 5  ? -1.060  -2.740  -2.654  1.00 0.09 ? 5  DG A N1     1 
ATOM 143 C C2     . DG A 1 5  ? 0.139   -2.631  -3.331  1.00 0.09 ? 5  DG A C2     1 
ATOM 144 N N2     . DG A 1 5  ? 1.155   -3.344  -2.841  1.00 0.11 ? 5  DG A N2     1 
ATOM 145 N N3     . DG A 1 5  ? 0.307   -1.878  -4.430  1.00 0.10 ? 5  DG A N3     1 
ATOM 146 C C4     . DG A 1 5  ? -0.834  -1.243  -4.791  1.00 0.09 ? 5  DG A C4     1 
ATOM 147 H "H5'"  . DG A 1 5  ? -1.617  3.481   -7.789  1.00 0.16 ? 5  DG A "H5'"  1 
ATOM 148 H "H5''" . DG A 1 5  ? -1.959  2.971   -9.453  1.00 0.17 ? 5  DG A "H5''" 1 
ATOM 149 H "H4'"  . DG A 1 5  ? 0.312   2.411   -8.873  1.00 0.18 ? 5  DG A "H4'"  1 
ATOM 150 H "H3'"  . DG A 1 5  ? -1.464  0.392   -9.726  1.00 0.15 ? 5  DG A "H3'"  1 
ATOM 151 H "H2'"  . DG A 1 5  ? -1.315  -1.148  -8.130  1.00 0.11 ? 5  DG A "H2'"  1 
ATOM 152 H "H2''" . DG A 1 5  ? 0.414   -1.304  -8.524  1.00 0.14 ? 5  DG A "H2''" 1 
ATOM 153 H "H1'"  . DG A 1 5  ? 0.960   -0.349  -6.583  1.00 0.13 ? 5  DG A "H1'"  1 
ATOM 154 H H8     . DG A 1 5  ? -2.692  0.631   -6.544  1.00 0.12 ? 5  DG A H8     1 
ATOM 155 H H1     . DG A 1 5  ? -1.106  -3.334  -1.838  1.00 0.10 ? 5  DG A H1     1 
ATOM 156 H H21    . DG A 1 5  ? 1.023   -3.910  -2.015  1.00 0.11 ? 5  DG A H21    1 
ATOM 157 H H22    . DG A 1 5  ? 2.055   -3.321  -3.299  1.00 0.12 ? 5  DG A H22    1 
ATOM 158 P P      . DT A 1 6  ? 0.520   -0.568  -11.392 1.00 0.20 ? 6  DT A P      1 
ATOM 159 O OP1    . DT A 1 6  ? 1.034   0.144   -12.585 1.00 0.24 ? 6  DT A OP1    1 
ATOM 160 O OP2    . DT A 1 6  ? -0.811  -1.215  -11.433 1.00 0.19 ? 6  DT A OP2    1 
ATOM 161 O "O5'"  . DT A 1 6  ? 1.607   -1.668  -10.942 1.00 0.20 ? 6  DT A "O5'"  1 
ATOM 162 C "C5'"  . DT A 1 6  ? 2.621   -2.086  -11.851 1.00 0.26 ? 6  DT A "C5'"  1 
ATOM 163 C "C4'"  . DT A 1 6  ? 3.912   -2.498  -11.150 1.00 0.28 ? 6  DT A "C4'"  1 
ATOM 164 O "O4'"  . DT A 1 6  ? 4.676   -1.351  -10.692 1.00 0.30 ? 6  DT A "O4'"  1 
ATOM 165 C "C3'"  . DT A 1 6  ? 3.655   -3.366  -9.925  1.00 0.21 ? 6  DT A "C3'"  1 
ATOM 166 O "O3'"  . DT A 1 6  ? 4.464   -4.546  -9.929  1.00 0.24 ? 6  DT A "O3'"  1 
ATOM 167 C "C2'"  . DT A 1 6  ? 4.028   -2.500  -8.771  1.00 0.20 ? 6  DT A "C2'"  1 
ATOM 168 C "C1'"  . DT A 1 6  ? 5.102   -1.625  -9.344  1.00 0.27 ? 6  DT A "C1'"  1 
ATOM 169 N N1     . DT A 1 6  ? 5.284   -0.411  -8.545  1.00 0.30 ? 6  DT A N1     1 
ATOM 170 C C2     . DT A 1 6  ? 6.550   -0.155  -8.049  1.00 0.39 ? 6  DT A C2     1 
ATOM 171 O O2     . DT A 1 6  ? 7.524   -0.847  -8.342  1.00 0.42 ? 6  DT A O2     1 
ATOM 172 N N3     . DT A 1 6  ? 6.661   0.926   -7.201  1.00 0.44 ? 6  DT A N3     1 
ATOM 173 C C4     . DT A 1 6  ? 5.634   1.759   -6.808  1.00 0.40 ? 6  DT A C4     1 
ATOM 174 O O4     . DT A 1 6  ? 5.849   2.696   -6.042  1.00 0.46 ? 6  DT A O4     1 
ATOM 175 C C5     . DT A 1 6  ? 4.346   1.420   -7.374  1.00 0.31 ? 6  DT A C5     1 
ATOM 176 C C7     . DT A 1 6  ? 3.123   2.211   -6.913  1.00 0.27 ? 6  DT A C7     1 
ATOM 177 C C6     . DT A 1 6  ? 4.214   0.365   -8.227  1.00 0.27 ? 6  DT A C6     1 
ATOM 178 H "H5'"  . DT A 1 6  ? 2.841   -1.264  -12.522 1.00 0.30 ? 6  DT A "H5'"  1 
ATOM 179 H "H5''" . DT A 1 6  ? 2.248   -2.930  -12.433 1.00 0.28 ? 6  DT A "H5''" 1 
ATOM 180 H "H4'"  . DT A 1 6  ? 4.521   -3.050  -11.841 1.00 0.33 ? 6  DT A "H4'"  1 
ATOM 181 H "H3'"  . DT A 1 6  ? 2.598   -3.629  -9.868  1.00 0.19 ? 6  DT A "H3'"  1 
ATOM 182 H "H2'"  . DT A 1 6  ? 3.174   -1.905  -8.452  1.00 0.18 ? 6  DT A "H2'"  1 
ATOM 183 H "H2''" . DT A 1 6  ? 4.416   -3.096  -7.945  1.00 0.18 ? 6  DT A "H2''" 1 
ATOM 184 H "H1'"  . DT A 1 6  ? 6.024   -2.196  -9.367  1.00 0.29 ? 6  DT A "H1'"  1 
ATOM 185 H H3     . DT A 1 6  ? 7.580   1.128   -6.834  1.00 0.51 ? 6  DT A H3     1 
ATOM 186 H H71    . DT A 1 6  ? 2.604   2.621   -7.774  1.00 0.99 ? 6  DT A H71    1 
ATOM 187 H H72    . DT A 1 6  ? 3.446   3.026   -6.259  1.00 1.09 ? 6  DT A H72    1 
ATOM 188 H H73    . DT A 1 6  ? 2.453   1.553   -6.358  1.00 1.05 ? 6  DT A H73    1 
ATOM 189 H H6     . DT A 1 6  ? 3.254   0.152   -8.726  1.00 0.23 ? 6  DT A H6     1 
ATOM 190 P P      . DG A 1 7  ? 4.014   -5.795  -9.035  1.00 0.22 ? 7  DG A P      1 
ATOM 191 O OP1    . DG A 1 7  ? 5.211   -6.605  -8.717  1.00 0.25 ? 7  DG A OP1    1 
ATOM 192 O OP2    . DG A 1 7  ? 2.830   -6.424  -9.663  1.00 0.30 ? 7  DG A OP2    1 
ATOM 193 O "O5'"  . DG A 1 7  ? 3.539   -5.023  -7.702  1.00 0.15 ? 7  DG A "O5'"  1 
ATOM 194 C "C5'"  . DG A 1 7  ? 4.035   -5.351  -6.402  1.00 0.13 ? 7  DG A "C5'"  1 
ATOM 195 C "C4'"  . DG A 1 7  ? 2.885   -5.822  -5.532  1.00 0.10 ? 7  DG A "C4'"  1 
ATOM 196 O "O4'"  . DG A 1 7  ? 1.816   -4.829  -5.518  1.00 0.10 ? 7  DG A "O4'"  1 
ATOM 197 C "C3'"  . DG A 1 7  ? 2.316   -7.090  -6.095  1.00 0.10 ? 7  DG A "C3'"  1 
ATOM 198 O "O3'"  . DG A 1 7  ? 1.952   -7.977  -5.050  1.00 0.09 ? 7  DG A "O3'"  1 
ATOM 199 C "C2'"  . DG A 1 7  ? 1.132   -6.630  -6.834  1.00 0.10 ? 7  DG A "C2'"  1 
ATOM 200 C "C1'"  . DG A 1 7  ? 0.641   -5.425  -6.096  1.00 0.09 ? 7  DG A "C1'"  1 
ATOM 201 N N9     . DG A 1 7  ? -0.086  -4.535  -7.014  1.00 0.10 ? 7  DG A N9     1 
ATOM 202 C C8     . DG A 1 7  ? 0.252   -4.114  -8.256  1.00 0.12 ? 7  DG A C8     1 
ATOM 203 N N7     . DG A 1 7  ? -0.627  -3.439  -8.917  1.00 0.13 ? 7  DG A N7     1 
ATOM 204 C C5     . DG A 1 7  ? -1.694  -3.395  -8.012  1.00 0.11 ? 7  DG A C5     1 
ATOM 205 C C6     . DG A 1 7  ? -2.975  -2.793  -8.141  1.00 0.12 ? 7  DG A C6     1 
ATOM 206 O O6     . DG A 1 7  ? -3.431  -2.168  -9.095  1.00 0.14 ? 7  DG A O6     1 
ATOM 207 N N1     . DG A 1 7  ? -3.744  -2.982  -6.999  1.00 0.11 ? 7  DG A N1     1 
ATOM 208 C C2     . DG A 1 7  ? -3.336  -3.664  -5.871  1.00 0.10 ? 7  DG A C2     1 
ATOM 209 N N2     . DG A 1 7  ? -4.217  -3.740  -4.874  1.00 0.11 ? 7  DG A N2     1 
ATOM 210 N N3     . DG A 1 7  ? -2.134  -4.233  -5.742  1.00 0.09 ? 7  DG A N3     1 
ATOM 211 C C4     . DG A 1 7  ? -1.367  -4.062  -6.843  1.00 0.09 ? 7  DG A C4     1 
ATOM 212 H "H5'"  . DG A 1 7  ? 4.489   -4.465  -5.955  1.00 0.14 ? 7  DG A "H5'"  1 
ATOM 213 H "H5''" . DG A 1 7  ? 4.783   -6.139  -6.482  1.00 0.14 ? 7  DG A "H5''" 1 
ATOM 214 H "H4'"  . DG A 1 7  ? 3.204   -6.017  -4.529  1.00 0.10 ? 7  DG A "H4'"  1 
ATOM 215 H "H3'"  . DG A 1 7  ? 3.029   -7.563  -6.774  1.00 0.12 ? 7  DG A "H3'"  1 
ATOM 216 H "H2'"  . DG A 1 7  ? 1.435   -6.346  -7.837  1.00 0.12 ? 7  DG A "H2'"  1 
ATOM 217 H "H2''" . DG A 1 7  ? 0.383   -7.389  -6.845  1.00 0.11 ? 7  DG A "H2''" 1 
ATOM 218 H "H1'"  . DG A 1 7  ? -0.029  -5.744  -5.301  1.00 0.08 ? 7  DG A "H1'"  1 
ATOM 219 H H8     . DG A 1 7  ? 1.223   -4.357  -8.687  1.00 0.14 ? 7  DG A H8     1 
ATOM 220 H H1     . DG A 1 7  ? -4.669  -2.577  -7.018  1.00 0.12 ? 7  DG A H1     1 
ATOM 221 H H21    . DG A 1 7  ? -5.125  -3.312  -4.968  1.00 0.13 ? 7  DG A H21    1 
ATOM 222 H H22    . DG A 1 7  ? -3.972  -4.226  -4.021  1.00 0.11 ? 7  DG A H22    1 
ATOM 223 P P      . DT A 1 8  ? 1.737   -9.547  -5.302  1.00 0.11 ? 8  DT A P      1 
ATOM 224 O OP1    . DT A 1 8  ? 2.963   -10.267 -4.890  1.00 0.12 ? 8  DT A OP1    1 
ATOM 225 O OP2    . DT A 1 8  ? 1.175   -9.740  -6.658  1.00 0.13 ? 8  DT A OP2    1 
ATOM 226 O "O5'"  . DT A 1 8  ? 0.585   -9.841  -4.226  1.00 0.10 ? 8  DT A "O5'"  1 
ATOM 227 C "C5'"  . DT A 1 8  ? 0.462   -8.963  -3.103  1.00 0.09 ? 8  DT A "C5'"  1 
ATOM 228 C "C4'"  . DT A 1 8  ? -0.985  -8.700  -2.724  1.00 0.10 ? 8  DT A "C4'"  1 
ATOM 229 O "O4'"  . DT A 1 8  ? -1.661  -7.849  -3.686  1.00 0.10 ? 8  DT A "O4'"  1 
ATOM 230 C "C3'"  . DT A 1 8  ? -1.755  -9.999  -2.635  1.00 0.13 ? 8  DT A "C3'"  1 
ATOM 231 O "O3'"  . DT A 1 8  ? -2.506  -10.040 -1.414  1.00 0.14 ? 8  DT A "O3'"  1 
ATOM 232 C "C2'"  . DT A 1 8  ? -2.643  -9.956  -3.850  1.00 0.14 ? 8  DT A "C2'"  1 
ATOM 233 C "C1'"  . DT A 1 8  ? -2.887  -8.492  -4.070  1.00 0.12 ? 8  DT A "C1'"  1 
ATOM 234 N N1     . DT A 1 8  ? -3.243  -8.213  -5.468  1.00 0.14 ? 8  DT A N1     1 
ATOM 235 C C2     . DT A 1 8  ? -4.529  -7.754  -5.704  1.00 0.15 ? 8  DT A C2     1 
ATOM 236 O O2     . DT A 1 8  ? -5.314  -7.504  -4.792  1.00 0.16 ? 8  DT A O2     1 
ATOM 237 N N3     . DT A 1 8  ? -4.883  -7.587  -7.023  1.00 0.17 ? 8  DT A N3     1 
ATOM 238 C C4     . DT A 1 8  ? -4.085  -7.836  -8.117  1.00 0.17 ? 8  DT A C4     1 
ATOM 239 O O4     . DT A 1 8  ? -4.514  -7.653  -9.255  1.00 0.19 ? 8  DT A O4     1 
ATOM 240 C C5     . DT A 1 8  ? -2.757  -8.312  -7.793  1.00 0.16 ? 8  DT A C5     1 
ATOM 241 C C7     . DT A 1 8  ? -1.840  -8.709  -8.947  1.00 0.17 ? 8  DT A C7     1 
ATOM 242 C C6     . DT A 1 8  ? -2.366  -8.476  -6.490  1.00 0.14 ? 8  DT A C6     1 
ATOM 243 H "H5'"  . DT A 1 8  ? 0.932   -8.015  -3.351  1.00 0.08 ? 8  DT A "H5'"  1 
ATOM 244 H "H5''" . DT A 1 8  ? 0.978   -9.405  -2.250  1.00 0.09 ? 8  DT A "H5''" 1 
ATOM 245 H "H4'"  . DT A 1 8  ? -1.016  -8.216  -1.758  1.00 0.10 ? 8  DT A "H4'"  1 
ATOM 246 H "H3'"  . DT A 1 8  ? -1.071  -10.849 -2.698  1.00 0.13 ? 8  DT A "H3'"  1 
ATOM 247 H "H2'"  . DT A 1 8  ? -2.121  -10.361 -4.717  1.00 0.15 ? 8  DT A "H2'"  1 
ATOM 248 H "H2''" . DT A 1 8  ? -3.579  -10.486 -3.673  1.00 0.17 ? 8  DT A "H2''" 1 
ATOM 249 H "H1'"  . DT A 1 8  ? -3.691  -8.168  -3.417  1.00 0.13 ? 8  DT A "H1'"  1 
ATOM 250 H H3     . DT A 1 8  ? -5.817  -7.248  -7.207  1.00 0.18 ? 8  DT A H3     1 
ATOM 251 H H71    . DT A 1 8  ? -0.923  -8.131  -8.906  1.00 0.93 ? 8  DT A H71    1 
ATOM 252 H H72    . DT A 1 8  ? -2.352  -8.512  -9.896  1.00 0.95 ? 8  DT A H72    1 
ATOM 253 H H73    . DT A 1 8  ? -1.611  -9.773  -8.882  1.00 1.00 ? 8  DT A H73    1 
ATOM 254 H H6     . DT A 1 8  ? -1.323  -8.764  -6.239  1.00 0.13 ? 8  DT A H6     1 
ATOM 255 P P      . DC A 1 9  ? -2.719  -11.422 -0.617  1.00 0.17 ? 9  DC A P      1 
ATOM 256 O OP1    . DC A 1 9  ? -3.003  -12.489 -1.602  1.00 0.20 ? 9  DC A OP1    1 
ATOM 257 O OP2    . DC A 1 9  ? -3.665  -11.173 0.494   1.00 0.19 ? 9  DC A OP2    1 
ATOM 258 O "O5'"  . DC A 1 9  ? -1.255  -11.691 0.014   1.00 0.16 ? 9  DC A "O5'"  1 
ATOM 259 C "C5'"  . DC A 1 9  ? -0.782  -10.962 1.159   1.00 0.14 ? 9  DC A "C5'"  1 
ATOM 260 C "C4'"  . DC A 1 9  ? 0.451   -10.119 0.822   1.00 0.11 ? 9  DC A "C4'"  1 
ATOM 261 O "O4'"  . DC A 1 9  ? 0.095   -8.998  -0.029  1.00 0.09 ? 9  DC A "O4'"  1 
ATOM 262 C "C3'"  . DC A 1 9  ? 1.086   -9.519  2.067   1.00 0.12 ? 9  DC A "C3'"  1 
ATOM 263 O "O3'"  . DC A 1 9  ? 2.513   -9.501  1.948   1.00 0.12 ? 9  DC A "O3'"  1 
ATOM 264 C "C2'"  . DC A 1 9  ? 0.563   -8.124  2.116   1.00 0.12 ? 9  DC A "C2'"  1 
ATOM 265 C "C1'"  . DC A 1 9  ? 0.365   -7.748  0.665   1.00 0.10 ? 9  DC A "C1'"  1 
ATOM 266 N N1     . DC A 1 9  ? -0.744  -6.778  0.469   1.00 0.10 ? 9  DC A N1     1 
ATOM 267 C C2     . DC A 1 9  ? -0.481  -5.674  -0.340  1.00 0.09 ? 9  DC A C2     1 
ATOM 268 O O2     . DC A 1 9  ? 0.631   -5.523  -0.849  1.00 0.08 ? 9  DC A O2     1 
ATOM 269 N N3     . DC A 1 9  ? -1.481  -4.774  -0.545  1.00 0.09 ? 9  DC A N3     1 
ATOM 270 C C4     . DC A 1 9  ? -2.682  -4.931  0.027   1.00 0.11 ? 9  DC A C4     1 
ATOM 271 N N4     . DC A 1 9  ? -3.635  -4.025  -0.192  1.00 0.12 ? 9  DC A N4     1 
ATOM 272 C C5     . DC A 1 9  ? -2.957  -6.055  0.864   1.00 0.13 ? 9  DC A C5     1 
ATOM 273 C C6     . DC A 1 9  ? -1.971  -6.952  1.055   1.00 0.12 ? 9  DC A C6     1 
ATOM 274 H "H5'"  . DC A 1 9  ? -0.524  -11.669 1.946   1.00 0.16 ? 9  DC A "H5'"  1 
ATOM 275 H "H5''" . DC A 1 9  ? -1.575  -10.304 1.519   1.00 0.15 ? 9  DC A "H5''" 1 
ATOM 276 H "H4'"  . DC A 1 9  ? 1.182   -10.738 0.305   1.00 0.11 ? 9  DC A "H4'"  1 
ATOM 277 H "H3'"  . DC A 1 9  ? 0.781   -10.074 2.956   1.00 0.15 ? 9  DC A "H3'"  1 
ATOM 278 H "H2'"  . DC A 1 9  ? -0.371  -8.092  2.667   1.00 0.14 ? 9  DC A "H2'"  1 
ATOM 279 H "H2''" . DC A 1 9  ? 1.291   -7.479  2.572   1.00 0.12 ? 9  DC A "H2''" 1 
ATOM 280 H "H1'"  . DC A 1 9  ? 1.302   -7.310  0.302   1.00 0.09 ? 9  DC A "H1'"  1 
ATOM 281 H H41    . DC A 1 9  ? -3.450  -3.230  -0.788  1.00 0.12 ? 9  DC A H41    1 
ATOM 282 H H42    . DC A 1 9  ? -4.543  -4.135  0.233   1.00 0.14 ? 9  DC A H42    1 
ATOM 283 H H5     . DC A 1 9  ? -3.927  -6.173  1.350   1.00 0.14 ? 9  DC A H5     1 
ATOM 284 H H6     . DC A 1 9  ? -2.162  -7.828  1.671   1.00 0.13 ? 9  DC A H6     1 
ATOM 285 P P      . DC A 1 10 ? 3.458   -9.227  3.223   1.00 0.14 ? 10 DC A P      1 
ATOM 286 O OP1    . DC A 1 10 ? 4.570   -10.204 3.198   1.00 0.15 ? 10 DC A OP1    1 
ATOM 287 O OP2    . DC A 1 10 ? 2.604   -9.108  4.426   1.00 0.16 ? 10 DC A OP2    1 
ATOM 288 O "O5'"  . DC A 1 10 ? 4.057   -7.765  2.879   1.00 0.13 ? 10 DC A "O5'"  1 
ATOM 289 C "C5'"  . DC A 1 10 ? 4.863   -7.578  1.708   1.00 0.11 ? 10 DC A "C5'"  1 
ATOM 290 C "C4'"  . DC A 1 10 ? 4.829   -6.139  1.178   1.00 0.11 ? 10 DC A "C4'"  1 
ATOM 291 O "O4'"  . DC A 1 10 ? 3.474   -5.688  0.905   1.00 0.11 ? 10 DC A "O4'"  1 
ATOM 292 C "C3'"  . DC A 1 10 ? 5.441   -5.145  2.162   1.00 0.11 ? 10 DC A "C3'"  1 
ATOM 293 O "O3'"  . DC A 1 10 ? 6.413   -4.311  1.517   1.00 0.11 ? 10 DC A "O3'"  1 
ATOM 294 C "C2'"  . DC A 1 10 ? 4.277   -4.342  2.651   1.00 0.11 ? 10 DC A "C2'"  1 
ATOM 295 C "C1'"  . DC A 1 10 ? 3.288   -4.389  1.510   1.00 0.11 ? 10 DC A "C1'"  1 
ATOM 296 N N1     . DC A 1 10 ? 1.895   -4.200  1.971   1.00 0.11 ? 10 DC A N1     1 
ATOM 297 C C2     . DC A 1 10 ? 1.101   -3.293  1.282   1.00 0.12 ? 10 DC A C2     1 
ATOM 298 O O2     . DC A 1 10 ? 1.569   -2.641  0.352   1.00 0.11 ? 10 DC A O2     1 
ATOM 299 N N3     . DC A 1 10 ? -0.195  -3.145  1.671   1.00 0.12 ? 10 DC A N3     1 
ATOM 300 C C4     . DC A 1 10 ? -0.695  -3.857  2.688   1.00 0.13 ? 10 DC A C4     1 
ATOM 301 N N4     . DC A 1 10 ? -1.970  -3.691  3.040   1.00 0.14 ? 10 DC A N4     1 
ATOM 302 C C5     . DC A 1 10 ? 0.122   -4.793  3.399   1.00 0.13 ? 10 DC A C5     1 
ATOM 303 C C6     . DC A 1 10 ? 1.404   -4.925  3.010   1.00 0.12 ? 10 DC A C6     1 
ATOM 304 H "H5'"  . DC A 1 10 ? 4.503   -8.246  0.925   1.00 0.11 ? 10 DC A "H5'"  1 
ATOM 305 H "H5''" . DC A 1 10 ? 5.894   -7.840  1.945   1.00 0.12 ? 10 DC A "H5''" 1 
ATOM 306 H "H4'"  . DC A 1 10 ? 5.395   -6.095  0.249   1.00 0.11 ? 10 DC A "H4'"  1 
ATOM 307 H "H3'"  . DC A 1 10 ? 5.888   -5.683  2.999   1.00 0.12 ? 10 DC A "H3'"  1 
ATOM 308 H "H2'"  . DC A 1 10 ? 3.864   -4.794  3.547   1.00 0.11 ? 10 DC A "H2'"  1 
ATOM 309 H "H2''" . DC A 1 10 ? 4.576   -3.322  2.849   1.00 0.11 ? 10 DC A "H2''" 1 
ATOM 310 H "H1'"  . DC A 1 10 ? 3.541   -3.618  0.785   1.00 0.11 ? 10 DC A "H1'"  1 
ATOM 311 H H41    . DC A 1 10 ? -2.551  -3.032  2.540   1.00 0.14 ? 10 DC A H41    1 
ATOM 312 H H42    . DC A 1 10 ? -2.356  -4.225  3.806   1.00 0.14 ? 10 DC A H42    1 
ATOM 313 H H5     . DC A 1 10 ? -0.287  -5.396  4.208   1.00 0.13 ? 10 DC A H5     1 
ATOM 314 H H6     . DC A 1 10 ? 2.068   -5.593  3.551   1.00 0.12 ? 10 DC A H6     1 
ATOM 315 P P      . DG A 1 11 ? 7.474   -3.447  2.374   1.00 0.12 ? 11 DG A P      1 
ATOM 316 O OP1    . DG A 1 11 ? 8.837   -3.890  2.002   1.00 0.13 ? 11 DG A OP1    1 
ATOM 317 O OP2    . DG A 1 11 ? 7.054   -3.465  3.793   1.00 0.12 ? 11 DG A OP2    1 
ATOM 318 O "O5'"  . DG A 1 11 ? 7.253   -1.955  1.803   1.00 0.12 ? 11 DG A "O5'"  1 
ATOM 319 C "C5'"  . DG A 1 11 ? 7.660   -1.618  0.471   1.00 0.13 ? 11 DG A "C5'"  1 
ATOM 320 C "C4'"  . DG A 1 11 ? 7.128   -0.254  0.038   1.00 0.14 ? 11 DG A "C4'"  1 
ATOM 321 O "O4'"  . DG A 1 11 ? 5.677   -0.208  0.113   1.00 0.15 ? 11 DG A "O4'"  1 
ATOM 322 C "C3'"  . DG A 1 11 ? 7.645   0.855   0.930   1.00 0.13 ? 11 DG A "C3'"  1 
ATOM 323 O "O3'"  . DG A 1 11 ? 7.949   2.035   0.187   1.00 0.15 ? 11 DG A "O3'"  1 
ATOM 324 C "C2'"  . DG A 1 11 ? 6.527   1.127   1.857   1.00 0.12 ? 11 DG A "C2'"  1 
ATOM 325 C "C1'"  . DG A 1 11 ? 5.287   0.812   1.063   1.00 0.14 ? 11 DG A "C1'"  1 
ATOM 326 N N9     . DG A 1 11 ? 4.193   0.349   1.937   1.00 0.13 ? 11 DG A N9     1 
ATOM 327 C C8     . DG A 1 11 ? 4.230   -0.539  2.953   1.00 0.12 ? 11 DG A C8     1 
ATOM 328 N N7     . DG A 1 11 ? 3.126   -0.787  3.575   1.00 0.11 ? 11 DG A N7     1 
ATOM 329 C C5     . DG A 1 11 ? 2.226   0.040   2.896   1.00 0.11 ? 11 DG A C5     1 
ATOM 330 C C6     . DG A 1 11 ? 0.834   0.232   3.101   1.00 0.11 ? 11 DG A C6     1 
ATOM 331 O O6     . DG A 1 11 ? 0.105   -0.303  3.932   1.00 0.11 ? 11 DG A O6     1 
ATOM 332 N N1     . DG A 1 11 ? 0.308   1.153   2.204   1.00 0.12 ? 11 DG A N1     1 
ATOM 333 C C2     . DG A 1 11 ? 1.028   1.811   1.226   1.00 0.13 ? 11 DG A C2     1 
ATOM 334 N N2     . DG A 1 11 ? 0.342   2.663   0.461   1.00 0.14 ? 11 DG A N2     1 
ATOM 335 N N3     . DG A 1 11 ? 2.338   1.636   1.025   1.00 0.13 ? 11 DG A N3     1 
ATOM 336 C C4     . DG A 1 11 ? 2.873   0.742   1.890   1.00 0.12 ? 11 DG A C4     1 
ATOM 337 H "H5'"  . DG A 1 11 ? 7.282   -2.372  -0.214  1.00 0.14 ? 11 DG A "H5'"  1 
ATOM 338 H "H5''" . DG A 1 11 ? 8.749   -1.607  0.424   1.00 0.12 ? 11 DG A "H5''" 1 
ATOM 339 H "H4'"  . DG A 1 11 ? 7.429   -0.054  -0.978  1.00 0.16 ? 11 DG A "H4'"  1 
ATOM 340 H "H3'"  . DG A 1 11 ? 8.523   0.516   1.485   1.00 0.12 ? 11 DG A "H3'"  1 
ATOM 341 H "H2'"  . DG A 1 11 ? 6.599   0.485   2.731   1.00 0.11 ? 11 DG A "H2'"  1 
ATOM 342 H "H2''" . DG A 1 11 ? 6.541   2.166   2.136   1.00 0.13 ? 11 DG A "H2''" 1 
ATOM 343 H "H1'"  . DG A 1 11 ? 4.975   1.708   0.532   1.00 0.16 ? 11 DG A "H1'"  1 
ATOM 344 H H8     . DG A 1 11 ? 5.165   -1.013  3.246   1.00 0.12 ? 11 DG A H8     1 
ATOM 345 H H1     . DG A 1 11 ? -0.680  1.344   2.295   1.00 0.12 ? 11 DG A H1     1 
ATOM 346 H H21    . DG A 1 11 ? -0.647  2.796   0.613   1.00 0.14 ? 11 DG A H21    1 
ATOM 347 H H22    . DG A 1 11 ? 0.814   3.175   -0.271  1.00 0.15 ? 11 DG A H22    1 
ATOM 348 P P      . DC A 1 12 ? 8.737   3.257   0.879   1.00 0.16 ? 12 DC A P      1 
ATOM 349 O OP1    . DC A 1 12 ? 9.772   3.738   -0.061  1.00 0.18 ? 12 DC A OP1    1 
ATOM 350 O OP2    . DC A 1 12 ? 9.113   2.859   2.255   1.00 0.14 ? 12 DC A OP2    1 
ATOM 351 O "O5'"  . DC A 1 12 ? 7.573   4.375   0.975   1.00 0.18 ? 12 DC A "O5'"  1 
ATOM 352 C "C5'"  . DC A 1 12 ? 7.009   4.898   -0.230  1.00 0.20 ? 12 DC A "C5'"  1 
ATOM 353 C "C4'"  . DC A 1 12 ? 5.910   5.942   0.005   1.00 0.19 ? 12 DC A "C4'"  1 
ATOM 354 O "O4'"  . DC A 1 12 ? 4.732   5.364   0.638   1.00 0.18 ? 12 DC A "O4'"  1 
ATOM 355 C "C3'"  . DC A 1 12 ? 6.372   7.082   0.903   1.00 0.19 ? 12 DC A "C3'"  1 
ATOM 356 O "O3'"  . DC A 1 12 ? 5.896   8.343   0.416   1.00 0.21 ? 12 DC A "O3'"  1 
ATOM 357 C "C2'"  . DC A 1 12 ? 5.769   6.753   2.235   1.00 0.17 ? 12 DC A "C2'"  1 
ATOM 358 C "C1'"  . DC A 1 12 ? 4.473   6.053   1.889   1.00 0.15 ? 12 DC A "C1'"  1 
ATOM 359 N N1     . DC A 1 12 ? 4.088   5.100   2.946   1.00 0.13 ? 12 DC A N1     1 
ATOM 360 C C2     . DC A 1 12 ? 2.793   5.150   3.446   1.00 0.13 ? 12 DC A C2     1 
ATOM 361 O O2     . DC A 1 12 ? 1.988   5.973   3.013   1.00 0.15 ? 12 DC A O2     1 
ATOM 362 N N3     . DC A 1 12 ? 2.451   4.267   4.425   1.00 0.12 ? 12 DC A N3     1 
ATOM 363 C C4     . DC A 1 12 ? 3.340   3.377   4.890   1.00 0.11 ? 12 DC A C4     1 
ATOM 364 N N4     . DC A 1 12 ? 2.978   2.527   5.851   1.00 0.10 ? 12 DC A N4     1 
ATOM 365 C C5     . DC A 1 12 ? 4.670   3.332   4.369   1.00 0.12 ? 12 DC A C5     1 
ATOM 366 C C6     . DC A 1 12 ? 4.991   4.203   3.409   1.00 0.14 ? 12 DC A C6     1 
ATOM 367 H "H5'"  . DC A 1 12 ? 6.591   4.077   -0.810  1.00 0.21 ? 12 DC A "H5'"  1 
ATOM 368 H "H5''" . DC A 1 12 ? 7.804   5.349   -0.801  1.00 0.23 ? 12 DC A "H5''" 1 
ATOM 369 H "H4'"  . DC A 1 12 ? 5.613   6.357   -0.957  1.00 0.20 ? 12 DC A "H4'"  1 
ATOM 370 H "H3'"  . DC A 1 12 ? 7.462   7.084   0.974   1.00 0.20 ? 12 DC A "H3'"  1 
ATOM 371 H "H2'"  . DC A 1 12 ? 6.425   6.088   2.799   1.00 0.16 ? 12 DC A "H2'"  1 
ATOM 372 H "H2''" . DC A 1 12 ? 5.573   7.660   2.800   1.00 0.18 ? 12 DC A "H2''" 1 
ATOM 373 H "H1'"  . DC A 1 12 ? 3.682   6.791   1.746   1.00 0.16 ? 12 DC A "H1'"  1 
ATOM 374 H H41    . DC A 1 12 ? 2.040   2.553   6.224   1.00 0.11 ? 12 DC A H41    1 
ATOM 375 H H42    . DC A 1 12 ? 3.643   1.853   6.205   1.00 0.10 ? 12 DC A H42    1 
ATOM 376 H H5     . DC A 1 12 ? 5.401   2.618   4.734   1.00 0.13 ? 12 DC A H5     1 
ATOM 377 H H6     . DC A 1 12 ? 5.990   4.195   2.995   1.00 0.16 ? 12 DC A H6     1 
ATOM 378 P P      . DG A 1 13 ? 6.498   9.733   0.968   1.00 0.24 ? 13 DG A P      1 
ATOM 379 O OP1    . DG A 1 13 ? 7.046   10.489  -0.180  1.00 0.26 ? 13 DG A OP1    1 
ATOM 380 O OP2    . DG A 1 13 ? 7.356   9.441   2.138   1.00 0.24 ? 13 DG A OP2    1 
ATOM 381 O "O5'"  . DG A 1 13 ? 5.176   10.494  1.491   1.00 0.25 ? 13 DG A "O5'"  1 
ATOM 382 C "C5'"  . DG A 1 13 ? 4.102   10.780  0.589   1.00 0.27 ? 13 DG A "C5'"  1 
ATOM 383 C "C4'"  . DG A 1 13 ? 2.761   10.895  1.314   1.00 0.30 ? 13 DG A "C4'"  1 
ATOM 384 O "O4'"  . DG A 1 13 ? 2.499   9.708   2.116   1.00 0.27 ? 13 DG A "O4'"  1 
ATOM 385 C "C3'"  . DG A 1 13 ? 2.745   12.082  2.269   1.00 0.34 ? 13 DG A "C3'"  1 
ATOM 386 O "O3'"  . DG A 1 13 ? 1.451   12.695  2.290   1.00 0.39 ? 13 DG A "O3'"  1 
ATOM 387 C "C2'"  . DG A 1 13 ? 3.056   11.455  3.601   1.00 0.33 ? 13 DG A "C2'"  1 
ATOM 388 C "C1'"  . DG A 1 13 ? 2.403   10.093  3.511   1.00 0.29 ? 13 DG A "C1'"  1 
ATOM 389 N N9     . DG A 1 13 ? 3.044   9.097   4.403   1.00 0.25 ? 13 DG A N9     1 
ATOM 390 C C8     . DG A 1 13 ? 4.352   8.749   4.546   1.00 0.23 ? 13 DG A C8     1 
ATOM 391 N N7     . DG A 1 13 ? 4.636   7.836   5.413   1.00 0.21 ? 13 DG A N7     1 
ATOM 392 C C5     . DG A 1 13 ? 3.376   7.522   5.924   1.00 0.22 ? 13 DG A C5     1 
ATOM 393 C C6     . DG A 1 13 ? 3.010   6.582   6.922   1.00 0.22 ? 13 DG A C6     1 
ATOM 394 O O6     . DG A 1 13 ? 3.740   5.821   7.556   1.00 0.22 ? 13 DG A O6     1 
ATOM 395 N N1     . DG A 1 13 ? 1.638   6.580   7.142   1.00 0.24 ? 13 DG A N1     1 
ATOM 396 C C2     . DG A 1 13 ? 0.725   7.380   6.482   1.00 0.26 ? 13 DG A C2     1 
ATOM 397 N N2     . DG A 1 13 ? -0.553  7.234   6.833   1.00 0.29 ? 13 DG A N2     1 
ATOM 398 N N3     . DG A 1 13 ? 1.061   8.266   5.541   1.00 0.27 ? 13 DG A N3     1 
ATOM 399 C C4     . DG A 1 13 ? 2.395   8.288   5.311   1.00 0.25 ? 13 DG A C4     1 
ATOM 400 H "H5'"  . DG A 1 13 ? 4.036   9.977   -0.148  1.00 0.26 ? 13 DG A "H5'"  1 
ATOM 401 H "H5''" . DG A 1 13 ? 4.310   11.718  0.073   1.00 0.29 ? 13 DG A "H5''" 1 
ATOM 402 H "H4'"  . DG A 1 13 ? 1.964   11.011  0.581   1.00 0.33 ? 13 DG A "H4'"  1 
ATOM 403 H "H3'"  . DG A 1 13 ? 3.511   12.815  1.986   1.00 0.36 ? 13 DG A "H3'"  1 
ATOM 404 H "HO3'" . DG A 1 13 ? 0.828   12.032  2.597   1.00 0.89 ? 13 DG A "HO3'" 1 
ATOM 405 H "H2'"  . DG A 1 13 ? 4.134   11.352  3.735   1.00 0.31 ? 13 DG A "H2'"  1 
ATOM 406 H "H2''" . DG A 1 13 ? 2.622   12.037  4.415   1.00 0.37 ? 13 DG A "H2''" 1 
ATOM 407 H "H1'"  . DG A 1 13 ? 1.349   10.189  3.779   1.00 0.32 ? 13 DG A "H1'"  1 
ATOM 408 H H8     . DG A 1 13 ? 5.133   9.217   3.953   1.00 0.24 ? 13 DG A H8     1 
ATOM 409 H H1     . DG A 1 13 ? 1.304   5.939   7.848   1.00 0.25 ? 13 DG A H1     1 
ATOM 410 H H21    . DG A 1 13 ? -0.810  6.566   7.545   1.00 0.29 ? 13 DG A H21    1 
ATOM 411 H H22    . DG A 1 13 ? -1.265  7.794   6.387   1.00 0.31 ? 13 DG A H22    1 
# 
